data_9O4X
#
_entry.id   9O4X
#
_cell.length_a   178.093
_cell.length_b   178.093
_cell.length_c   75.428
_cell.angle_alpha   90.000
_cell.angle_beta   90.000
_cell.angle_gamma   90.000
#
_symmetry.space_group_name_H-M   'P 43 21 2'
#
loop_
_entity.id
_entity.type
_entity.pdbx_description
1 polymer Beta-2-microglobulin
2 polymer 'T cell receptor delta chain'
3 polymer 'T cell receptor gamma chain'
4 polymer 'Antigen-presenting glycoprotein CD1d'
5 branched 2-acetamido-2-deoxy-beta-D-glucopyranose-(1-4)-2-acetamido-2-deoxy-beta-D-glucopyranose
6 non-polymer 2-acetamido-2-deoxy-beta-D-glucopyranose
7 non-polymer sphingomyelin
8 non-polymer 'PENTAETHYLENE GLYCOL'
#
loop_
_entity_poly.entity_id
_entity_poly.type
_entity_poly.pdbx_seq_one_letter_code
_entity_poly.pdbx_strand_id
1 'polypeptide(L)'
;IQRTPKIQVYSRHPAENGKSNFLNCYVSGFHPSDIEVDLLKNGERIEKVEHSDLSFSKDWSFYLLYYTEFTPTEKDEYAC
RVNHVTLSQPKIVKWDRDM
;
B
2 'polypeptide(L)'
;QKVTQAQSSVSMPVRKAVTLNCLYETSWWSYYIFWYKQLPSKEMIFLIRQGSDEQNAKSGRYSVNFKKAAKSVALTISAL
QLEDSAKYFCALGVWGDKLIFGKGTRVTVEPRSQPHTKPSVFVMKNGTNVACLVKEFYPKDIRINLVSSKKITEFDPAIV
ISPSGKYNAVKLGKYEDSNSVTCSVQHDNKTVHSTDF
;
D
3 'polypeptide(L)'
;SSNLEGGTKSVTRPTRSSAEITCDLTVINAFYIHWYLHQEGKAPQRLLYYDVSNSKDVLESGLSPGKYYTHTPRRWSWIL
ILRNLIENDSGVYYCATWDRLYYKKLFGSGTTLVVTDKQLDADVSPKPTIFLPSIAETKLQKAGTYLCLLEKFFPDVIKI
HWQEKKSNTILGSQEGNTMKTNDTYMKFSWLTVPEESLDKEHRCIVRHENNKNGVDQEIIFPPI
;
G
4 'polypeptide(L)'
;RLFPLRCLQISSFANSSWTRTDGLAWLGELQTHSWSNDSDTVRSLKPWSQGTFSDQQWETLQHIFRVYRSSFTRDVKEFA
KMLRLSYPLELQVSAGCEVHPGNASNNFFHVAFQGKDILSFQGTSWEPTQEAPLWVNLAIQVLNQDKWTRETVQWLLNGT
CPQFVSGLLESGKSELKKQVKPKAWLSRGPSPGPGRLLLVCHVSGFYPKPVWVKWMRGEQEQQGTQPGDILPNADETWYL
RATLDVVAGEAAGLSCRVKHSSLEGQDIVLYWGS
;
A
#
# COMPACT_ATOMS: atom_id res chain seq x y z
N ILE A 1 -4.24 -20.08 -37.16
CA ILE A 1 -4.52 -18.67 -37.41
C ILE A 1 -3.23 -17.88 -37.57
N GLN A 2 -2.83 -17.64 -38.83
CA GLN A 2 -1.61 -16.93 -39.14
C GLN A 2 -1.91 -15.86 -40.17
N ARG A 3 -1.26 -14.70 -40.04
CA ARG A 3 -1.44 -13.57 -40.94
C ARG A 3 -0.11 -12.99 -41.41
N THR A 4 0.01 -12.75 -42.72
CA THR A 4 1.21 -12.22 -43.36
C THR A 4 1.26 -10.70 -43.22
N PRO A 5 2.46 -10.12 -43.05
CA PRO A 5 2.55 -8.67 -42.79
C PRO A 5 2.32 -7.78 -43.99
N LYS A 6 1.67 -6.65 -43.72
CA LYS A 6 1.56 -5.52 -44.63
C LYS A 6 2.68 -4.52 -44.31
N ILE A 7 3.37 -4.07 -45.35
CA ILE A 7 4.58 -3.27 -45.20
C ILE A 7 4.40 -1.97 -45.99
N GLN A 8 4.57 -0.82 -45.32
CA GLN A 8 4.40 0.48 -45.97
C GLN A 8 5.60 1.38 -45.67
N VAL A 9 6.16 1.98 -46.71
CA VAL A 9 7.36 2.81 -46.60
C VAL A 9 7.03 4.25 -46.98
N TYR A 10 7.54 5.19 -46.19
CA TYR A 10 7.22 6.60 -46.36
C TYR A 10 8.25 7.45 -45.63
N SER A 11 8.33 8.73 -46.03
CA SER A 11 9.27 9.66 -45.42
C SER A 11 8.55 10.63 -44.51
N ARG A 12 9.27 11.13 -43.50
CA ARG A 12 8.69 12.10 -42.56
C ARG A 12 8.40 13.42 -43.24
N HIS A 13 9.31 13.91 -44.08
CA HIS A 13 9.15 15.17 -44.80
C HIS A 13 9.18 14.87 -46.29
N PRO A 14 8.76 15.79 -47.16
CA PRO A 14 8.89 15.56 -48.60
C PRO A 14 10.35 15.39 -48.99
N ALA A 15 10.60 14.51 -49.96
CA ALA A 15 11.97 14.20 -50.35
C ALA A 15 12.57 15.40 -51.09
N GLU A 16 13.62 15.97 -50.52
CA GLU A 16 14.37 17.04 -51.17
C GLU A 16 15.83 16.60 -51.06
N ASN A 17 16.48 16.41 -52.20
CA ASN A 17 17.85 15.86 -52.23
C ASN A 17 18.88 16.74 -51.52
N GLY A 18 19.59 16.14 -50.55
CA GLY A 18 20.60 16.81 -49.76
C GLY A 18 20.15 17.36 -48.42
N LYS A 19 18.86 17.31 -48.12
CA LYS A 19 18.28 17.79 -46.87
C LYS A 19 17.87 16.60 -46.01
N SER A 20 18.16 16.66 -44.72
CA SER A 20 17.85 15.56 -43.83
C SER A 20 16.36 15.26 -43.75
N ASN A 21 16.07 13.98 -43.51
CA ASN A 21 14.73 13.43 -43.49
C ASN A 21 14.80 12.12 -42.70
N PHE A 22 13.64 11.50 -42.48
CA PHE A 22 13.54 10.21 -41.82
C PHE A 22 12.83 9.24 -42.75
N LEU A 23 13.38 8.03 -42.91
CA LEU A 23 12.73 7.00 -43.71
C LEU A 23 12.08 6.01 -42.75
N ASN A 24 10.77 5.80 -42.93
CA ASN A 24 9.96 4.93 -42.10
C ASN A 24 9.53 3.70 -42.90
N CYS A 25 9.57 2.55 -42.24
CA CYS A 25 9.00 1.30 -42.74
C CYS A 25 8.09 0.74 -41.65
N TYR A 26 6.80 0.70 -41.92
CA TYR A 26 5.77 0.26 -40.99
C TYR A 26 5.32 -1.14 -41.40
N VAL A 27 5.57 -2.12 -40.55
CA VAL A 27 5.21 -3.52 -40.79
C VAL A 27 4.12 -3.89 -39.80
N SER A 28 2.99 -4.37 -40.31
CA SER A 28 1.82 -4.54 -39.46
C SER A 28 1.06 -5.78 -39.90
N GLY A 29 0.18 -6.25 -39.02
CA GLY A 29 -0.74 -7.30 -39.37
C GLY A 29 -0.14 -8.69 -39.45
N PHE A 30 1.01 -8.93 -38.82
CA PHE A 30 1.70 -10.20 -38.95
C PHE A 30 1.56 -11.02 -37.67
N HIS A 31 1.75 -12.33 -37.81
CA HIS A 31 1.71 -13.28 -36.70
C HIS A 31 2.47 -14.54 -37.08
N PRO A 32 3.35 -15.08 -36.22
CA PRO A 32 3.73 -14.67 -34.85
C PRO A 32 4.66 -13.47 -34.81
N SER A 33 5.17 -13.12 -33.64
CA SER A 33 5.90 -11.88 -33.44
C SER A 33 7.32 -11.94 -33.98
N ASP A 34 7.81 -13.12 -34.35
CA ASP A 34 9.17 -13.26 -34.83
C ASP A 34 9.32 -12.62 -36.20
N ILE A 35 10.14 -11.58 -36.28
CA ILE A 35 10.32 -10.80 -37.52
C ILE A 35 11.72 -10.18 -37.59
N GLU A 36 12.19 -10.03 -38.83
CA GLU A 36 13.47 -9.40 -39.14
C GLU A 36 13.20 -8.25 -40.10
N VAL A 37 13.60 -7.02 -39.71
CA VAL A 37 13.39 -5.85 -40.54
C VAL A 37 14.70 -5.09 -40.71
N ASP A 38 15.05 -4.79 -41.97
CA ASP A 38 16.26 -4.03 -42.30
C ASP A 38 15.93 -2.97 -43.34
N LEU A 39 16.56 -1.82 -43.21
CA LEU A 39 16.43 -0.74 -44.17
C LEU A 39 17.68 -0.77 -45.05
N LEU A 40 17.47 -0.72 -46.37
CA LEU A 40 18.55 -0.88 -47.33
C LEU A 40 18.75 0.42 -48.09
N LYS A 41 20.01 0.75 -48.31
CA LYS A 41 20.45 1.85 -49.16
C LYS A 41 21.31 1.24 -50.25
N ASN A 42 20.81 1.27 -51.50
CA ASN A 42 21.49 0.67 -52.64
C ASN A 42 21.79 -0.80 -52.38
N GLY A 43 20.89 -1.47 -51.68
CA GLY A 43 21.03 -2.88 -51.40
C GLY A 43 21.83 -3.24 -50.17
N GLU A 44 22.44 -2.28 -49.50
CA GLU A 44 23.23 -2.51 -48.29
C GLU A 44 22.50 -2.02 -47.06
N ARG A 45 22.67 -2.73 -45.94
CA ARG A 45 21.98 -2.39 -44.70
C ARG A 45 22.49 -1.10 -44.06
N ILE A 46 21.57 -0.25 -43.63
CA ILE A 46 21.92 0.94 -42.87
C ILE A 46 22.22 0.50 -41.45
N GLU A 47 23.31 1.01 -40.88
CA GLU A 47 23.74 0.53 -39.57
C GLU A 47 22.82 1.04 -38.48
N LYS A 48 22.69 2.36 -38.36
CA LYS A 48 21.91 3.00 -37.30
C LYS A 48 20.45 3.02 -37.73
N VAL A 49 19.74 1.96 -37.36
CA VAL A 49 18.31 1.81 -37.60
C VAL A 49 17.65 1.58 -36.26
N GLU A 50 16.60 2.34 -35.97
CA GLU A 50 15.89 2.24 -34.71
C GLU A 50 14.47 1.74 -34.96
N HIS A 51 13.85 1.15 -33.94
CA HIS A 51 12.49 0.67 -34.07
C HIS A 51 11.71 0.97 -32.80
N SER A 52 10.41 1.21 -32.96
CA SER A 52 9.54 1.36 -31.80
C SER A 52 9.37 0.01 -31.11
N ASP A 53 8.82 0.03 -29.90
CA ASP A 53 8.53 -1.22 -29.19
C ASP A 53 7.48 -2.04 -29.94
N LEU A 54 7.70 -3.36 -29.99
CA LEU A 54 6.71 -4.26 -30.57
C LEU A 54 5.36 -4.12 -29.86
N SER A 55 4.32 -3.91 -30.66
CA SER A 55 2.94 -3.76 -30.21
C SER A 55 2.05 -4.62 -31.08
N PHE A 56 0.75 -4.63 -30.76
CA PHE A 56 -0.20 -5.36 -31.59
C PHE A 56 -1.51 -4.58 -31.62
N SER A 57 -2.31 -4.86 -32.65
CA SER A 57 -3.55 -4.18 -32.94
C SER A 57 -4.76 -4.84 -32.28
N LYS A 58 -5.93 -4.29 -32.60
CA LYS A 58 -7.19 -4.79 -32.05
C LYS A 58 -7.41 -6.25 -32.43
N ASP A 59 -7.03 -6.61 -33.65
CA ASP A 59 -7.19 -7.98 -34.13
C ASP A 59 -6.06 -8.92 -33.67
N TRP A 60 -5.20 -8.50 -32.74
CA TRP A 60 -4.10 -9.26 -32.12
C TRP A 60 -2.88 -9.37 -33.02
N SER A 61 -2.92 -8.88 -34.25
CA SER A 61 -1.77 -8.92 -35.15
C SER A 61 -0.74 -7.87 -34.74
N PHE A 62 0.54 -8.18 -34.95
CA PHE A 62 1.61 -7.34 -34.43
C PHE A 62 1.97 -6.24 -35.42
N TYR A 63 2.56 -5.16 -34.91
CA TYR A 63 3.05 -4.11 -35.79
C TYR A 63 4.29 -3.46 -35.17
N LEU A 64 5.13 -2.90 -36.04
CA LEU A 64 6.41 -2.33 -35.68
C LEU A 64 6.70 -1.20 -36.69
N LEU A 65 7.27 -0.11 -36.21
CA LEU A 65 7.71 0.98 -37.09
C LEU A 65 9.23 1.09 -36.96
N TYR A 66 9.94 0.94 -38.07
CA TYR A 66 11.38 1.15 -38.16
C TYR A 66 11.66 2.45 -38.90
N TYR A 67 12.70 3.15 -38.47
CA TYR A 67 13.00 4.46 -39.05
C TYR A 67 14.48 4.75 -38.94
N THR A 68 14.95 5.60 -39.85
CA THR A 68 16.35 6.02 -39.82
C THR A 68 16.51 7.43 -40.40
N GLU A 69 17.49 8.16 -39.87
CA GLU A 69 17.85 9.46 -40.40
C GLU A 69 18.68 9.32 -41.67
N PHE A 70 18.36 10.15 -42.67
CA PHE A 70 19.05 10.07 -43.95
C PHE A 70 18.99 11.41 -44.68
N THR A 71 19.93 11.60 -45.61
CA THR A 71 19.97 12.78 -46.46
C THR A 71 19.98 12.25 -47.90
N PRO A 72 18.85 12.32 -48.59
CA PRO A 72 18.76 11.67 -49.91
C PRO A 72 19.44 12.47 -51.00
N THR A 73 19.93 11.76 -52.00
CA THR A 73 20.44 12.35 -53.25
C THR A 73 19.68 11.76 -54.45
N GLU A 74 20.06 12.24 -55.63
CA GLU A 74 19.38 11.87 -56.86
C GLU A 74 19.57 10.39 -57.23
N LYS A 75 20.73 9.81 -56.90
CA LYS A 75 21.05 8.46 -57.32
C LYS A 75 20.81 7.41 -56.24
N ASP A 76 20.61 7.82 -54.98
CA ASP A 76 20.43 6.86 -53.91
C ASP A 76 19.07 6.19 -54.01
N GLU A 77 19.06 4.86 -53.82
CA GLU A 77 17.83 4.06 -53.81
C GLU A 77 17.66 3.44 -52.43
N TYR A 78 16.46 3.56 -51.88
CA TYR A 78 16.16 3.06 -50.54
C TYR A 78 15.05 2.01 -50.60
N ALA A 79 15.14 1.00 -49.72
CA ALA A 79 14.16 -0.08 -49.70
C ALA A 79 14.02 -0.63 -48.29
N CYS A 80 12.93 -1.38 -48.06
CA CYS A 80 12.68 -2.03 -46.77
C CYS A 80 12.57 -3.55 -46.96
N ARG A 81 13.38 -4.30 -46.21
CA ARG A 81 13.47 -5.75 -46.27
C ARG A 81 12.86 -6.39 -45.04
N VAL A 82 11.89 -7.29 -45.25
CA VAL A 82 11.15 -7.93 -44.18
C VAL A 82 11.22 -9.43 -44.35
N ASN A 83 11.52 -10.14 -43.26
CA ASN A 83 11.51 -11.59 -43.21
C ASN A 83 10.63 -12.03 -42.06
N HIS A 84 9.89 -13.13 -42.26
CA HIS A 84 8.89 -13.60 -41.32
C HIS A 84 8.58 -15.06 -41.60
N VAL A 85 8.13 -15.77 -40.56
CA VAL A 85 7.85 -17.19 -40.72
C VAL A 85 6.74 -17.43 -41.73
N THR A 86 5.84 -16.47 -41.93
CA THR A 86 4.82 -16.77 -42.92
C THR A 86 5.32 -16.53 -44.33
N LEU A 87 6.55 -16.06 -44.46
CA LEU A 87 7.16 -15.80 -45.75
C LEU A 87 8.35 -16.74 -45.80
N SER A 88 8.39 -17.64 -46.77
CA SER A 88 9.58 -18.48 -46.86
C SER A 88 10.80 -17.70 -47.30
N GLN A 89 10.61 -16.44 -47.74
CA GLN A 89 11.52 -15.66 -48.59
C GLN A 89 11.36 -14.14 -48.38
N PRO A 90 12.47 -13.40 -48.24
CA PRO A 90 12.41 -12.01 -47.76
C PRO A 90 11.87 -11.03 -48.80
N LYS A 91 10.91 -10.21 -48.38
CA LYS A 91 10.28 -9.22 -49.24
C LYS A 91 11.02 -7.88 -49.20
N ILE A 92 11.47 -7.40 -50.36
CA ILE A 92 12.12 -6.10 -50.45
C ILE A 92 11.16 -5.19 -51.19
N VAL A 93 10.69 -4.15 -50.50
CA VAL A 93 9.79 -3.15 -51.07
C VAL A 93 10.51 -1.81 -51.15
N LYS A 94 10.70 -1.32 -52.37
CA LYS A 94 11.43 -0.08 -52.57
C LYS A 94 10.59 1.14 -52.22
N TRP A 95 11.28 2.17 -51.74
CA TRP A 95 10.74 3.49 -51.42
C TRP A 95 10.57 4.47 -52.59
N ASP A 96 9.29 4.84 -52.84
CA ASP A 96 8.93 5.80 -53.88
C ASP A 96 8.89 7.16 -53.22
N ARG A 97 9.75 8.09 -53.65
CA ARG A 97 9.67 9.42 -53.04
C ARG A 97 8.40 10.12 -53.46
N ASP A 98 8.16 10.20 -54.78
CA ASP A 98 6.96 10.80 -55.36
C ASP A 98 5.76 9.89 -55.17
N MET A 99 5.34 9.65 -53.93
CA MET A 99 4.26 8.70 -53.68
C MET A 99 2.93 9.16 -54.26
N GLN B 1 -1.24 17.60 3.56
CA GLN B 1 -1.78 16.40 4.19
C GLN B 1 -1.57 16.45 5.69
N LYS B 2 -2.53 17.05 6.39
CA LYS B 2 -2.45 17.20 7.84
C LYS B 2 -3.69 16.62 8.50
N VAL B 3 -3.53 16.11 9.72
CA VAL B 3 -4.62 15.55 10.50
C VAL B 3 -4.59 16.20 11.88
N THR B 4 -5.76 16.68 12.33
CA THR B 4 -5.88 17.36 13.61
C THR B 4 -7.06 16.79 14.37
N GLN B 5 -6.84 16.48 15.64
CA GLN B 5 -7.90 16.07 16.56
C GLN B 5 -7.97 17.12 17.67
N ALA B 6 -8.99 17.97 17.61
CA ALA B 6 -9.07 19.11 18.52
C ALA B 6 -9.22 18.67 19.97
N GLN B 7 -10.07 17.67 20.23
CA GLN B 7 -10.28 17.20 21.58
C GLN B 7 -9.06 16.46 22.10
N SER B 8 -8.76 16.64 23.39
CA SER B 8 -7.64 16.00 24.04
C SER B 8 -8.08 14.86 24.95
N SER B 9 -8.98 15.14 25.90
CA SER B 9 -9.51 14.12 26.81
C SER B 9 -11.01 14.25 26.87
N VAL B 10 -11.70 13.12 26.75
CA VAL B 10 -13.16 13.06 26.75
C VAL B 10 -13.61 11.96 27.71
N SER B 11 -14.63 12.27 28.51
CA SER B 11 -15.19 11.32 29.47
C SER B 11 -16.66 11.08 29.17
N MET B 12 -17.14 9.88 29.50
CA MET B 12 -18.50 9.49 29.15
C MET B 12 -18.91 8.30 29.99
N PRO B 13 -20.17 8.20 30.41
CA PRO B 13 -20.61 7.03 31.19
C PRO B 13 -20.76 5.79 30.32
N VAL B 14 -21.02 4.67 31.00
CA VAL B 14 -21.20 3.39 30.29
C VAL B 14 -22.46 3.44 29.45
N ARG B 15 -22.48 2.61 28.40
CA ARG B 15 -23.66 2.38 27.57
C ARG B 15 -24.13 3.67 26.88
N LYS B 16 -23.22 4.58 26.60
CA LYS B 16 -23.53 5.81 25.87
C LYS B 16 -22.79 5.83 24.55
N ALA B 17 -22.91 6.94 23.82
CA ALA B 17 -22.33 7.08 22.49
C ALA B 17 -21.40 8.29 22.49
N VAL B 18 -20.10 8.02 22.39
CA VAL B 18 -19.09 9.08 22.40
C VAL B 18 -18.68 9.38 20.96
N THR B 19 -18.24 10.61 20.73
CA THR B 19 -17.84 11.07 19.41
C THR B 19 -16.49 11.78 19.50
N LEU B 20 -15.57 11.37 18.62
CA LEU B 20 -14.25 11.97 18.51
C LEU B 20 -14.14 12.69 17.18
N ASN B 21 -13.63 13.93 17.21
CA ASN B 21 -13.55 14.76 16.03
C ASN B 21 -12.20 14.65 15.35
N CYS B 22 -12.20 14.73 14.03
CA CYS B 22 -10.98 14.67 13.24
C CYS B 22 -11.15 15.56 12.01
N LEU B 23 -10.14 16.39 11.73
CA LEU B 23 -10.15 17.29 10.58
C LEU B 23 -8.88 17.08 9.78
N TYR B 24 -9.03 16.83 8.48
CA TYR B 24 -7.91 16.55 7.61
C TYR B 24 -7.83 17.58 6.48
N GLU B 25 -6.60 17.86 6.07
CA GLU B 25 -6.31 18.78 4.97
C GLU B 25 -5.46 18.02 3.96
N THR B 26 -6.07 17.61 2.85
CA THR B 26 -5.39 16.81 1.85
C THR B 26 -5.79 17.28 0.46
N SER B 27 -4.94 16.94 -0.52
CA SER B 27 -5.18 17.29 -1.91
C SER B 27 -5.41 16.08 -2.82
N TRP B 28 -5.29 14.87 -2.29
CA TRP B 28 -5.50 13.68 -3.10
C TRP B 28 -6.97 13.53 -3.48
N TRP B 29 -7.21 13.06 -4.71
CA TRP B 29 -8.57 12.76 -5.13
C TRP B 29 -9.11 11.55 -4.38
N SER B 30 -8.32 10.49 -4.29
CA SER B 30 -8.70 9.27 -3.59
C SER B 30 -7.78 9.07 -2.39
N TYR B 31 -8.38 8.80 -1.23
CA TYR B 31 -7.62 8.63 0.00
C TYR B 31 -8.47 7.81 0.97
N TYR B 32 -7.92 7.55 2.14
CA TYR B 32 -8.60 6.78 3.17
C TYR B 32 -8.32 7.40 4.54
N ILE B 33 -9.31 7.31 5.42
CA ILE B 33 -9.19 7.72 6.81
C ILE B 33 -9.39 6.47 7.67
N PHE B 34 -8.42 6.21 8.54
CA PHE B 34 -8.46 5.07 9.44
C PHE B 34 -8.62 5.57 10.87
N TRP B 35 -9.41 4.84 11.65
CA TRP B 35 -9.50 5.07 13.09
C TRP B 35 -8.91 3.86 13.79
N TYR B 36 -7.92 4.12 14.65
CA TYR B 36 -7.20 3.12 15.43
C TYR B 36 -7.41 3.39 16.91
N LYS B 37 -7.18 2.36 17.72
CA LYS B 37 -7.22 2.45 19.17
C LYS B 37 -5.85 2.10 19.73
N GLN B 38 -5.38 2.87 20.70
CA GLN B 38 -4.13 2.63 21.39
C GLN B 38 -4.42 2.34 22.86
N LEU B 39 -3.81 1.30 23.36
CA LEU B 39 -3.98 0.73 24.68
C LEU B 39 -2.93 1.27 25.63
N PRO B 40 -3.13 1.15 26.94
CA PRO B 40 -2.11 1.66 27.88
C PRO B 40 -0.75 1.02 27.71
N SER B 41 -0.69 -0.20 27.18
CA SER B 41 0.57 -0.87 26.87
C SER B 41 1.12 -0.50 25.50
N LYS B 42 0.62 0.58 24.90
CA LYS B 42 1.12 1.13 23.65
C LYS B 42 0.99 0.12 22.50
N GLU B 43 -0.25 -0.27 22.22
CA GLU B 43 -0.56 -1.20 21.14
C GLU B 43 -1.61 -0.59 20.24
N MET B 44 -1.33 -0.57 18.93
CA MET B 44 -2.24 -0.02 17.94
C MET B 44 -3.16 -1.11 17.41
N ILE B 45 -4.45 -0.81 17.32
CA ILE B 45 -5.46 -1.76 16.89
C ILE B 45 -6.39 -1.07 15.89
N PHE B 46 -6.54 -1.65 14.71
CA PHE B 46 -7.41 -1.09 13.69
C PHE B 46 -8.86 -1.18 14.14
N LEU B 47 -9.59 -0.08 13.96
CA LEU B 47 -11.02 -0.03 14.29
C LEU B 47 -11.89 0.16 13.04
N ILE B 48 -11.66 1.23 12.27
CA ILE B 48 -12.57 1.52 11.17
C ILE B 48 -11.79 2.13 10.00
N ARG B 49 -12.35 1.97 8.80
CA ARG B 49 -11.80 2.54 7.57
C ARG B 49 -12.92 3.24 6.81
N GLN B 50 -12.63 4.43 6.30
CA GLN B 50 -13.58 5.23 5.54
C GLN B 50 -12.79 5.97 4.46
N GLY B 51 -12.90 5.49 3.22
CA GLY B 51 -12.26 6.14 2.10
C GLY B 51 -13.11 7.29 1.58
N SER B 52 -12.58 7.95 0.55
CA SER B 52 -13.26 9.10 -0.04
C SER B 52 -14.34 8.71 -1.04
N ASP B 53 -14.57 7.42 -1.26
CA ASP B 53 -15.48 6.95 -2.29
C ASP B 53 -16.80 6.41 -1.76
N GLU B 54 -16.80 5.79 -0.58
CA GLU B 54 -18.00 5.13 -0.09
C GLU B 54 -18.85 6.09 0.76
N GLN B 55 -20.02 5.60 1.17
CA GLN B 55 -20.85 6.29 2.13
C GLN B 55 -20.33 6.02 3.54
N ASN B 56 -21.03 6.54 4.55
CA ASN B 56 -20.64 6.31 5.94
C ASN B 56 -20.67 4.83 6.26
N ALA B 57 -19.61 4.35 6.92
CA ALA B 57 -19.43 2.94 7.21
C ALA B 57 -19.56 2.68 8.71
N LYS B 58 -19.93 1.45 9.04
CA LYS B 58 -19.99 1.01 10.43
C LYS B 58 -19.52 -0.44 10.52
N SER B 59 -19.03 -0.81 11.69
CA SER B 59 -18.62 -2.18 11.97
C SER B 59 -18.82 -2.41 13.46
N GLY B 60 -19.81 -3.23 13.82
CA GLY B 60 -20.12 -3.41 15.22
C GLY B 60 -20.58 -2.11 15.84
N ARG B 61 -19.93 -1.72 16.93
CA ARG B 61 -20.27 -0.51 17.66
C ARG B 61 -19.56 0.73 17.15
N TYR B 62 -18.71 0.59 16.13
CA TYR B 62 -17.95 1.71 15.59
C TYR B 62 -18.62 2.22 14.32
N SER B 63 -18.90 3.52 14.28
CA SER B 63 -19.46 4.15 13.09
C SER B 63 -18.67 5.42 12.80
N VAL B 64 -18.82 5.93 11.59
CA VAL B 64 -18.06 7.09 11.14
C VAL B 64 -19.00 8.08 10.47
N ASN B 65 -18.82 9.36 10.80
CA ASN B 65 -19.56 10.46 10.18
C ASN B 65 -18.60 11.19 9.25
N PHE B 66 -18.90 11.16 7.96
CA PHE B 66 -17.97 11.60 6.91
C PHE B 66 -18.57 12.78 6.17
N LYS B 67 -17.80 13.86 6.07
CA LYS B 67 -18.19 15.02 5.27
C LYS B 67 -16.96 15.49 4.51
N LYS B 68 -16.99 15.34 3.18
CA LYS B 68 -15.84 15.67 2.35
C LYS B 68 -15.63 17.17 2.24
N ALA B 69 -16.70 17.93 2.05
CA ALA B 69 -16.58 19.37 1.82
C ALA B 69 -15.93 20.06 3.02
N ALA B 70 -16.38 19.73 4.22
CA ALA B 70 -15.79 20.29 5.44
C ALA B 70 -14.62 19.46 5.96
N LYS B 71 -14.31 18.34 5.31
CA LYS B 71 -13.15 17.52 5.66
C LYS B 71 -13.23 17.03 7.10
N SER B 72 -14.36 16.43 7.46
CA SER B 72 -14.63 15.98 8.82
C SER B 72 -14.85 14.47 8.82
N VAL B 73 -14.15 13.78 9.73
CA VAL B 73 -14.33 12.36 9.98
C VAL B 73 -14.51 12.21 11.49
N ALA B 74 -15.75 12.06 11.93
CA ALA B 74 -16.06 11.93 13.34
C ALA B 74 -16.33 10.47 13.68
N LEU B 75 -15.53 9.91 14.57
CA LEU B 75 -15.76 8.54 15.03
C LEU B 75 -16.83 8.52 16.11
N THR B 76 -17.74 7.55 16.02
CA THR B 76 -18.80 7.39 17.01
C THR B 76 -18.74 5.97 17.55
N ILE B 77 -18.63 5.86 18.87
CA ILE B 77 -18.62 4.57 19.56
C ILE B 77 -19.91 4.49 20.37
N SER B 78 -20.70 3.45 20.13
CA SER B 78 -22.01 3.30 20.74
C SER B 78 -21.97 2.25 21.84
N ALA B 79 -22.69 2.53 22.93
CA ALA B 79 -22.78 1.64 24.09
C ALA B 79 -21.39 1.28 24.62
N LEU B 80 -20.72 2.32 25.13
CA LEU B 80 -19.35 2.16 25.60
C LEU B 80 -19.26 1.09 26.68
N GLN B 81 -18.18 0.32 26.63
CA GLN B 81 -17.84 -0.64 27.66
C GLN B 81 -16.65 -0.12 28.47
N LEU B 82 -16.41 -0.77 29.61
CA LEU B 82 -15.31 -0.35 30.48
C LEU B 82 -13.95 -0.52 29.81
N GLU B 83 -13.86 -1.38 28.80
CA GLU B 83 -12.62 -1.56 28.05
C GLU B 83 -12.42 -0.53 26.96
N ASP B 84 -13.37 0.36 26.73
CA ASP B 84 -13.22 1.38 25.70
C ASP B 84 -12.24 2.48 26.10
N SER B 85 -11.89 2.57 27.39
CA SER B 85 -11.00 3.63 27.85
C SER B 85 -9.62 3.47 27.23
N ALA B 86 -9.28 4.34 26.29
CA ALA B 86 -8.07 4.20 25.49
C ALA B 86 -7.88 5.47 24.68
N LYS B 87 -6.79 5.53 23.91
CA LYS B 87 -6.48 6.72 23.13
C LYS B 87 -6.77 6.44 21.65
N TYR B 88 -7.74 7.13 21.10
CA TYR B 88 -8.19 6.90 19.73
C TYR B 88 -7.47 7.84 18.78
N PHE B 89 -6.97 7.29 17.67
CA PHE B 89 -6.16 8.01 16.70
C PHE B 89 -6.85 8.02 15.34
N CYS B 90 -6.76 9.16 14.67
CA CYS B 90 -7.28 9.37 13.32
C CYS B 90 -6.10 9.49 12.36
N ALA B 91 -6.14 8.73 11.26
CA ALA B 91 -5.04 8.69 10.32
C ALA B 91 -5.56 8.88 8.90
N LEU B 92 -4.74 9.49 8.05
CA LEU B 92 -5.07 9.77 6.66
C LEU B 92 -3.97 9.22 5.77
N GLY B 93 -4.35 8.48 4.73
CA GLY B 93 -3.34 7.95 3.84
C GLY B 93 -3.94 7.27 2.63
N VAL B 94 -3.07 7.04 1.65
CA VAL B 94 -3.44 6.30 0.45
C VAL B 94 -2.91 4.87 0.59
N TRP B 95 -3.45 3.98 -0.24
CA TRP B 95 -3.14 2.56 -0.11
C TRP B 95 -1.66 2.28 -0.34
N GLY B 96 -1.10 1.38 0.45
CA GLY B 96 0.28 0.97 0.27
C GLY B 96 1.31 2.01 0.60
N ASP B 97 0.98 3.00 1.43
CA ASP B 97 1.91 4.07 1.77
C ASP B 97 1.74 4.40 3.25
N LYS B 98 2.30 5.54 3.65
CA LYS B 98 2.31 5.94 5.04
C LYS B 98 0.93 6.39 5.50
N LEU B 99 0.80 6.54 6.81
CA LEU B 99 -0.38 7.12 7.45
C LEU B 99 0.04 8.38 8.19
N ILE B 100 -0.77 9.42 8.07
CA ILE B 100 -0.57 10.67 8.81
C ILE B 100 -1.53 10.67 9.99
N PHE B 101 -0.98 10.66 11.19
CA PHE B 101 -1.76 10.52 12.41
C PHE B 101 -2.04 11.86 13.06
N GLY B 102 -3.15 11.92 13.79
CA GLY B 102 -3.37 13.00 14.74
C GLY B 102 -2.72 12.68 16.07
N LYS B 103 -2.81 13.64 16.99
CA LYS B 103 -2.20 13.45 18.29
C LYS B 103 -3.00 12.50 19.18
N GLY B 104 -4.23 12.19 18.83
CA GLY B 104 -5.03 11.23 19.57
C GLY B 104 -5.89 11.89 20.64
N THR B 105 -7.01 11.24 20.96
CA THR B 105 -7.91 11.71 22.00
C THR B 105 -8.15 10.58 22.98
N ARG B 106 -8.00 10.86 24.27
CA ARG B 106 -8.17 9.85 25.30
C ARG B 106 -9.63 9.81 25.75
N VAL B 107 -10.22 8.63 25.70
CA VAL B 107 -11.61 8.41 26.09
C VAL B 107 -11.62 7.56 27.35
N THR B 108 -12.26 8.08 28.40
CA THR B 108 -12.34 7.43 29.71
C THR B 108 -13.79 7.09 29.98
N VAL B 109 -14.09 5.79 30.04
CA VAL B 109 -15.44 5.32 30.32
C VAL B 109 -15.62 5.24 31.83
N GLU B 110 -16.55 6.01 32.37
CA GLU B 110 -16.83 6.09 33.79
C GLU B 110 -17.96 5.14 34.17
N PRO B 111 -17.85 4.47 35.31
CA PRO B 111 -18.85 3.46 35.69
C PRO B 111 -20.22 4.07 35.93
N ARG B 112 -21.24 3.23 35.78
CA ARG B 112 -22.61 3.63 36.04
C ARG B 112 -22.80 3.95 37.53
N SER B 113 -23.90 4.64 37.83
CA SER B 113 -24.20 5.01 39.20
C SER B 113 -24.49 3.77 40.05
N GLN B 114 -23.98 3.77 41.27
CA GLN B 114 -24.09 2.68 42.21
C GLN B 114 -24.54 3.22 43.56
N PRO B 115 -25.17 2.38 44.38
CA PRO B 115 -25.49 2.82 45.75
C PRO B 115 -24.22 2.99 46.56
N HIS B 116 -24.28 3.90 47.53
CA HIS B 116 -23.11 4.21 48.34
C HIS B 116 -22.79 3.03 49.24
N THR B 117 -21.65 2.38 49.00
CA THR B 117 -21.23 1.20 49.74
C THR B 117 -20.07 1.56 50.65
N LYS B 118 -20.16 1.18 51.92
CA LYS B 118 -19.12 1.51 52.87
C LYS B 118 -17.87 0.68 52.60
N PRO B 119 -16.69 1.27 52.71
CA PRO B 119 -15.44 0.52 52.49
C PRO B 119 -15.20 -0.51 53.58
N SER B 120 -14.27 -1.43 53.27
CA SER B 120 -13.76 -2.40 54.22
C SER B 120 -12.25 -2.31 54.23
N VAL B 121 -11.64 -2.25 55.41
CA VAL B 121 -10.26 -1.86 55.58
C VAL B 121 -9.46 -3.03 56.16
N PHE B 122 -8.33 -3.35 55.52
CA PHE B 122 -7.46 -4.43 55.98
C PHE B 122 -6.00 -3.98 55.80
N VAL B 123 -5.10 -4.62 56.54
CA VAL B 123 -3.69 -4.25 56.52
C VAL B 123 -2.85 -5.51 56.34
N MET B 124 -1.85 -5.44 55.44
CA MET B 124 -0.89 -6.50 55.23
C MET B 124 0.52 -5.94 55.36
N LYS B 125 1.44 -6.77 55.84
CA LYS B 125 2.77 -6.29 56.22
C LYS B 125 3.84 -7.27 55.76
N ASN B 126 5.01 -6.70 55.43
CA ASN B 126 6.23 -7.48 55.22
C ASN B 126 7.40 -6.59 55.59
N GLY B 127 8.05 -6.89 56.71
CA GLY B 127 9.15 -6.05 57.18
C GLY B 127 8.65 -4.63 57.42
N THR B 128 9.39 -3.66 56.86
CA THR B 128 8.98 -2.26 56.98
C THR B 128 7.77 -1.95 56.12
N ASN B 129 7.50 -2.74 55.09
CA ASN B 129 6.43 -2.45 54.15
C ASN B 129 5.06 -2.75 54.77
N VAL B 130 4.14 -1.81 54.63
CA VAL B 130 2.76 -1.97 55.07
C VAL B 130 1.84 -1.46 53.98
N ALA B 131 0.84 -2.26 53.62
CA ALA B 131 -0.16 -1.90 52.63
C ALA B 131 -1.54 -1.98 53.25
N CYS B 132 -2.37 -0.99 52.93
CA CYS B 132 -3.77 -0.95 53.35
C CYS B 132 -4.65 -1.24 52.15
N LEU B 133 -5.57 -2.18 52.32
CA LEU B 133 -6.46 -2.66 51.27
C LEU B 133 -7.89 -2.24 51.61
N VAL B 134 -8.55 -1.58 50.66
CA VAL B 134 -9.92 -1.13 50.79
C VAL B 134 -10.73 -1.86 49.72
N LYS B 135 -11.72 -2.64 50.17
CA LYS B 135 -12.34 -3.64 49.29
C LYS B 135 -13.42 -3.03 48.39
N GLU B 136 -14.52 -2.57 48.97
CA GLU B 136 -15.70 -2.20 48.18
C GLU B 136 -16.21 -0.86 48.65
N PHE B 137 -16.19 0.13 47.75
CA PHE B 137 -16.73 1.45 48.08
C PHE B 137 -17.19 2.16 46.82
N TYR B 138 -18.24 2.97 46.98
CA TYR B 138 -18.77 3.86 45.98
C TYR B 138 -19.32 5.04 46.77
N PRO B 139 -19.05 6.29 46.34
CA PRO B 139 -18.34 6.71 45.14
C PRO B 139 -16.82 6.56 45.21
N LYS B 140 -16.15 6.86 44.10
CA LYS B 140 -14.70 6.72 43.99
C LYS B 140 -13.95 7.70 44.89
N ASP B 141 -14.57 8.81 45.29
CA ASP B 141 -13.90 9.77 46.16
C ASP B 141 -13.69 9.17 47.54
N ILE B 142 -12.43 9.18 47.99
CA ILE B 142 -12.04 8.52 49.23
C ILE B 142 -10.67 9.02 49.66
N ARG B 143 -10.47 9.17 50.98
CA ARG B 143 -9.17 9.51 51.54
C ARG B 143 -8.69 8.35 52.40
N ILE B 144 -7.40 8.05 52.32
CA ILE B 144 -6.82 6.94 53.06
C ILE B 144 -5.52 7.40 53.71
N ASN B 145 -5.33 7.00 54.97
CA ASN B 145 -4.12 7.34 55.71
C ASN B 145 -3.72 6.13 56.55
N LEU B 146 -2.44 6.07 56.90
CA LEU B 146 -1.91 5.02 57.74
C LEU B 146 -1.28 5.62 58.98
N VAL B 147 -1.65 5.08 60.15
CA VAL B 147 -1.16 5.59 61.42
C VAL B 147 0.30 5.17 61.60
N SER B 148 1.18 6.16 61.71
CA SER B 148 2.59 5.90 61.85
C SER B 148 3.27 7.16 62.36
N SER B 149 4.41 6.97 63.02
CA SER B 149 5.22 8.08 63.51
C SER B 149 6.58 8.18 62.84
N LYS B 150 6.97 7.17 62.07
CA LYS B 150 8.30 7.08 61.46
C LYS B 150 8.19 6.68 59.99
N LYS B 151 7.33 7.38 59.26
CA LYS B 151 7.05 7.04 57.86
C LYS B 151 8.27 7.33 57.00
N ILE B 152 8.87 6.28 56.44
CA ILE B 152 10.05 6.44 55.59
C ILE B 152 9.66 6.94 54.21
N THR B 153 8.73 6.24 53.55
CA THR B 153 8.22 6.66 52.25
C THR B 153 6.75 6.29 52.14
N GLU B 154 6.01 7.16 51.45
CA GLU B 154 4.60 6.93 51.16
C GLU B 154 4.39 7.07 49.66
N PHE B 155 3.44 6.31 49.13
CA PHE B 155 3.16 6.30 47.70
C PHE B 155 1.68 6.55 47.46
N ASP B 156 1.38 7.13 46.30
CA ASP B 156 0.02 7.53 45.99
C ASP B 156 -0.88 6.30 45.94
N PRO B 157 -2.08 6.37 46.52
CA PRO B 157 -2.96 5.19 46.52
C PRO B 157 -3.40 4.82 45.13
N ALA B 158 -3.58 3.51 44.92
CA ALA B 158 -4.07 2.98 43.66
C ALA B 158 -5.55 2.65 43.82
N ILE B 159 -6.39 3.27 42.99
CA ILE B 159 -7.83 3.05 43.00
C ILE B 159 -8.21 2.44 41.65
N VAL B 160 -8.89 1.29 41.70
CA VAL B 160 -9.26 0.55 40.49
C VAL B 160 -10.73 0.20 40.58
N ILE B 161 -11.28 -0.21 39.44
CA ILE B 161 -12.69 -0.57 39.33
C ILE B 161 -12.83 -2.07 39.53
N SER B 162 -13.64 -2.47 40.51
CA SER B 162 -13.91 -3.87 40.77
C SER B 162 -14.90 -4.43 39.76
N PRO B 163 -14.96 -5.75 39.60
CA PRO B 163 -15.97 -6.33 38.71
C PRO B 163 -17.40 -6.00 39.11
N SER B 164 -17.65 -5.75 40.39
CA SER B 164 -19.00 -5.45 40.87
C SER B 164 -19.47 -4.05 40.48
N GLY B 165 -18.60 -3.22 39.94
CA GLY B 165 -18.94 -1.84 39.61
C GLY B 165 -18.53 -0.84 40.66
N LYS B 166 -18.12 -1.29 41.84
CA LYS B 166 -17.59 -0.42 42.88
C LYS B 166 -16.07 -0.34 42.72
N TYR B 167 -15.38 0.16 43.74
CA TYR B 167 -13.95 0.46 43.62
C TYR B 167 -13.15 -0.30 44.67
N ASN B 168 -11.97 -0.77 44.25
CA ASN B 168 -10.93 -1.29 45.11
C ASN B 168 -9.83 -0.24 45.27
N ALA B 169 -9.06 -0.36 46.35
CA ALA B 169 -7.95 0.55 46.56
C ALA B 169 -6.85 -0.13 47.38
N VAL B 170 -5.61 0.23 47.09
CA VAL B 170 -4.45 -0.22 47.86
C VAL B 170 -3.49 0.96 48.04
N LYS B 171 -3.06 1.18 49.28
CA LYS B 171 -2.08 2.22 49.60
C LYS B 171 -0.87 1.56 50.25
N LEU B 172 0.31 1.77 49.68
CA LEU B 172 1.53 1.12 50.14
C LEU B 172 2.48 2.15 50.73
N GLY B 173 3.15 1.78 51.81
CA GLY B 173 4.15 2.64 52.42
C GLY B 173 5.18 1.83 53.18
N LYS B 174 6.22 2.52 53.62
CA LYS B 174 7.28 1.95 54.44
C LYS B 174 7.35 2.71 55.75
N TYR B 175 7.45 1.98 56.86
CA TYR B 175 7.43 2.59 58.19
C TYR B 175 8.37 1.84 59.11
N GLU B 176 9.05 2.58 60.00
CA GLU B 176 9.89 1.96 61.00
C GLU B 176 9.08 1.30 62.11
N ASP B 177 7.86 1.76 62.35
CA ASP B 177 6.95 1.19 63.34
C ASP B 177 5.91 0.29 62.68
N SER B 178 6.32 -0.46 61.65
CA SER B 178 5.38 -1.21 60.83
C SER B 178 4.56 -2.21 61.63
N ASN B 179 5.11 -2.74 62.72
CA ASN B 179 4.40 -3.76 63.48
C ASN B 179 3.15 -3.24 64.18
N SER B 180 2.97 -1.92 64.23
CA SER B 180 1.81 -1.33 64.91
C SER B 180 1.15 -0.26 64.04
N VAL B 181 1.23 -0.41 62.71
CA VAL B 181 0.61 0.53 61.79
C VAL B 181 -0.82 0.09 61.54
N THR B 182 -1.77 0.99 61.75
CA THR B 182 -3.18 0.78 61.43
C THR B 182 -3.55 1.64 60.23
N CYS B 183 -4.79 1.49 59.77
CA CYS B 183 -5.26 2.20 58.59
C CYS B 183 -6.57 2.91 58.90
N SER B 184 -6.70 4.14 58.42
CA SER B 184 -7.90 4.94 58.57
C SER B 184 -8.38 5.39 57.21
N VAL B 185 -9.70 5.33 56.99
CA VAL B 185 -10.28 5.66 55.71
C VAL B 185 -11.46 6.61 55.93
N GLN B 186 -11.44 7.75 55.24
CA GLN B 186 -12.55 8.70 55.23
C GLN B 186 -13.24 8.57 53.87
N HIS B 187 -14.46 8.01 53.88
CA HIS B 187 -15.23 7.81 52.67
C HIS B 187 -16.70 8.01 52.98
N ASP B 188 -17.41 8.69 52.08
CA ASP B 188 -18.84 8.93 52.20
C ASP B 188 -19.17 9.56 53.55
N ASN B 189 -18.36 10.53 53.97
CA ASN B 189 -18.55 11.24 55.24
C ASN B 189 -18.55 10.28 56.42
N LYS B 190 -17.76 9.20 56.31
CA LYS B 190 -17.68 8.19 57.36
C LYS B 190 -16.23 7.76 57.53
N THR B 191 -15.91 7.26 58.72
CA THR B 191 -14.55 6.85 59.06
C THR B 191 -14.52 5.37 59.39
N VAL B 192 -13.65 4.63 58.71
CA VAL B 192 -13.51 3.19 58.90
C VAL B 192 -12.06 2.89 59.25
N HIS B 193 -11.86 2.06 60.26
CA HIS B 193 -10.53 1.71 60.74
C HIS B 193 -10.22 0.25 60.43
N SER B 194 -8.92 -0.04 60.24
CA SER B 194 -8.49 -1.41 60.03
C SER B 194 -8.69 -2.27 61.27
N THR B 195 -8.64 -1.66 62.45
CA THR B 195 -8.90 -2.38 63.68
C THR B 195 -10.36 -2.76 63.85
N ASP B 196 -11.26 -2.19 63.05
CA ASP B 196 -12.67 -2.55 63.11
C ASP B 196 -12.94 -3.98 62.66
N PHE B 197 -11.97 -4.62 62.03
CA PHE B 197 -12.17 -5.95 61.46
C PHE B 197 -11.19 -6.96 62.02
N SER C 1 6.20 -20.96 29.04
CA SER C 1 6.92 -19.72 29.35
C SER C 1 8.16 -19.57 28.47
N SER C 2 8.94 -20.65 28.38
CA SER C 2 10.16 -20.63 27.59
C SER C 2 9.89 -20.60 26.09
N ASN C 3 8.66 -20.85 25.66
CA ASN C 3 8.31 -20.82 24.25
C ASN C 3 7.42 -19.62 23.91
N LEU C 4 7.31 -18.66 24.81
CA LEU C 4 6.60 -17.40 24.55
C LEU C 4 7.59 -16.38 23.99
N GLU C 5 7.20 -15.70 22.92
CA GLU C 5 8.00 -14.61 22.39
C GLU C 5 7.09 -13.62 21.68
N GLY C 6 7.53 -12.37 21.63
CA GLY C 6 6.73 -11.29 21.10
C GLY C 6 6.12 -10.43 22.18
N GLY C 7 5.06 -9.72 21.81
CA GLY C 7 4.37 -8.84 22.72
C GLY C 7 5.13 -7.54 22.96
N THR C 8 4.60 -6.75 23.89
CA THR C 8 5.22 -5.48 24.24
C THR C 8 6.59 -5.71 24.86
N LYS C 9 7.57 -4.93 24.41
CA LYS C 9 8.94 -5.07 24.87
C LYS C 9 9.53 -3.68 25.12
N SER C 10 10.67 -3.66 25.81
CA SER C 10 11.42 -2.43 26.00
C SER C 10 12.89 -2.70 25.79
N VAL C 11 13.59 -1.74 25.18
CA VAL C 11 15.04 -1.80 24.97
C VAL C 11 15.64 -0.54 25.57
N THR C 12 16.55 -0.72 26.53
CA THR C 12 17.23 0.39 27.19
C THR C 12 18.67 0.44 26.69
N ARG C 13 19.06 1.57 26.14
CA ARG C 13 20.40 1.71 25.58
C ARG C 13 21.00 3.05 25.99
N PRO C 14 22.33 3.13 26.08
CA PRO C 14 22.98 4.41 26.35
C PRO C 14 23.12 5.23 25.07
N THR C 15 23.53 6.48 25.25
CA THR C 15 23.74 7.35 24.10
C THR C 15 25.00 6.92 23.34
N ARG C 16 25.05 7.34 22.08
CA ARG C 16 26.18 7.05 21.18
C ARG C 16 26.41 5.54 21.02
N SER C 17 25.32 4.78 21.01
CA SER C 17 25.38 3.34 20.74
C SER C 17 24.23 2.99 19.80
N SER C 18 24.08 1.69 19.53
CA SER C 18 23.06 1.20 18.60
C SER C 18 21.98 0.45 19.36
N ALA C 19 20.78 0.45 18.80
CA ALA C 19 19.63 -0.24 19.40
C ALA C 19 19.00 -1.15 18.36
N GLU C 20 18.60 -2.35 18.81
CA GLU C 20 17.88 -3.31 17.99
C GLU C 20 16.43 -3.36 18.46
N ILE C 21 15.50 -3.30 17.51
CA ILE C 21 14.07 -3.31 17.79
C ILE C 21 13.45 -4.42 16.96
N THR C 22 12.79 -5.37 17.63
CA THR C 22 12.27 -6.55 16.98
C THR C 22 10.87 -6.27 16.43
N CYS C 23 10.42 -7.18 15.57
CA CYS C 23 9.10 -7.09 14.94
C CYS C 23 8.38 -8.41 15.15
N ASP C 24 7.29 -8.39 15.90
CA ASP C 24 6.47 -9.56 16.14
C ASP C 24 5.29 -9.66 15.18
N LEU C 25 5.25 -8.79 14.17
CA LEU C 25 4.18 -8.78 13.20
C LEU C 25 4.23 -10.04 12.32
N THR C 26 3.10 -10.34 11.69
CA THR C 26 2.94 -11.55 10.89
C THR C 26 2.37 -11.18 9.53
N VAL C 27 2.94 -11.75 8.46
CA VAL C 27 2.61 -11.34 7.10
C VAL C 27 2.25 -12.56 6.26
N ILE C 28 1.46 -12.30 5.21
CA ILE C 28 1.11 -13.31 4.21
C ILE C 28 1.95 -13.16 2.96
N ASN C 29 1.97 -11.96 2.36
CA ASN C 29 2.85 -11.65 1.24
C ASN C 29 3.14 -10.15 1.33
N ALA C 30 4.24 -9.81 2.00
CA ALA C 30 4.57 -8.44 2.31
C ALA C 30 5.74 -7.99 1.44
N PHE C 31 5.50 -6.94 0.64
CA PHE C 31 6.58 -6.32 -0.11
C PHE C 31 7.34 -5.31 0.72
N TYR C 32 6.71 -4.73 1.75
CA TYR C 32 7.32 -3.64 2.51
C TYR C 32 7.04 -3.82 4.00
N ILE C 33 7.98 -3.35 4.80
CA ILE C 33 7.84 -3.30 6.26
C ILE C 33 8.07 -1.85 6.68
N HIS C 34 7.03 -1.18 7.15
CA HIS C 34 7.13 0.21 7.57
C HIS C 34 7.52 0.28 9.04
N TRP C 35 8.28 1.31 9.39
CA TRP C 35 8.70 1.55 10.77
C TRP C 35 8.15 2.88 11.23
N TYR C 36 7.36 2.85 12.31
CA TYR C 36 6.73 4.04 12.87
C TYR C 36 7.30 4.34 14.25
N LEU C 37 7.37 5.64 14.56
CA LEU C 37 7.83 6.11 15.86
C LEU C 37 6.72 6.92 16.51
N HIS C 38 6.42 6.61 17.77
CA HIS C 38 5.41 7.33 18.55
C HIS C 38 6.08 7.85 19.82
N GLN C 39 6.09 9.17 19.98
CA GLN C 39 6.63 9.81 21.17
C GLN C 39 5.49 10.44 21.95
N GLU C 40 5.62 10.43 23.28
CA GLU C 40 4.54 10.88 24.15
C GLU C 40 4.14 12.31 23.82
N GLY C 41 2.83 12.53 23.67
CA GLY C 41 2.32 13.84 23.33
C GLY C 41 2.48 14.24 21.88
N LYS C 42 2.82 13.30 21.00
CA LYS C 42 3.04 13.59 19.59
C LYS C 42 2.36 12.54 18.74
N ALA C 43 2.05 12.91 17.50
CA ALA C 43 1.39 11.99 16.59
C ALA C 43 2.36 10.94 16.09
N PRO C 44 1.93 9.69 15.95
CA PRO C 44 2.78 8.67 15.33
C PRO C 44 3.12 9.05 13.89
N GLN C 45 4.38 8.80 13.52
CA GLN C 45 4.87 9.12 12.18
C GLN C 45 5.75 7.98 11.70
N ARG C 46 5.71 7.73 10.40
CA ARG C 46 6.59 6.72 9.80
C ARG C 46 7.96 7.32 9.57
N LEU C 47 9.00 6.59 9.95
CA LEU C 47 10.37 7.02 9.74
C LEU C 47 10.95 6.49 8.43
N LEU C 48 10.65 5.25 8.10
CA LEU C 48 11.22 4.62 6.91
C LEU C 48 10.42 3.37 6.59
N TYR C 49 10.75 2.75 5.46
CA TYR C 49 10.20 1.44 5.14
C TYR C 49 11.27 0.61 4.43
N TYR C 50 11.08 -0.70 4.52
CA TYR C 50 12.04 -1.69 4.02
C TYR C 50 11.40 -2.47 2.88
N ASP C 51 12.03 -2.43 1.72
CA ASP C 51 11.71 -3.28 0.58
C ASP C 51 12.26 -4.67 0.86
N VAL C 52 11.36 -5.63 1.07
CA VAL C 52 11.75 -6.98 1.45
C VAL C 52 12.29 -7.75 0.26
N SER C 53 11.56 -7.71 -0.87
CA SER C 53 11.95 -8.50 -2.02
C SER C 53 13.32 -8.10 -2.54
N ASN C 54 13.63 -6.80 -2.53
CA ASN C 54 14.88 -6.29 -3.04
C ASN C 54 15.85 -5.83 -1.95
N SER C 55 15.44 -5.92 -0.67
CA SER C 55 16.30 -5.63 0.47
C SER C 55 16.86 -4.21 0.41
N LYS C 56 15.95 -3.23 0.50
CA LYS C 56 16.36 -1.83 0.46
C LYS C 56 15.69 -1.05 1.59
N ASP C 57 16.27 0.08 1.94
CA ASP C 57 15.70 0.99 2.93
C ASP C 57 15.39 2.32 2.27
N VAL C 58 14.15 2.79 2.42
CA VAL C 58 13.74 4.11 1.96
C VAL C 58 13.37 4.92 3.20
N LEU C 59 14.13 5.98 3.46
CA LEU C 59 13.95 6.83 4.63
C LEU C 59 13.14 8.06 4.27
N GLU C 60 12.38 8.56 5.24
CA GLU C 60 11.62 9.78 5.05
C GLU C 60 12.56 10.97 4.89
N SER C 61 12.11 11.98 4.15
CA SER C 61 12.95 13.13 3.85
C SER C 61 13.34 13.87 5.13
N GLY C 62 14.62 14.22 5.24
CA GLY C 62 15.15 14.89 6.41
C GLY C 62 15.94 14.01 7.34
N LEU C 63 15.93 12.70 7.13
CA LEU C 63 16.65 11.75 7.99
C LEU C 63 17.98 11.40 7.36
N SER C 64 19.05 11.49 8.16
CA SER C 64 20.38 11.21 7.66
C SER C 64 20.54 9.74 7.32
N PRO C 65 21.15 9.42 6.16
CA PRO C 65 21.33 8.02 5.80
C PRO C 65 22.24 7.29 6.78
N GLY C 66 21.97 6.00 6.97
CA GLY C 66 22.71 5.19 7.90
C GLY C 66 22.20 5.22 9.32
N LYS C 67 21.35 6.20 9.66
CA LYS C 67 20.78 6.26 11.00
C LYS C 67 19.92 5.04 11.30
N TYR C 68 19.11 4.62 10.32
CA TYR C 68 18.20 3.49 10.47
C TYR C 68 18.56 2.41 9.46
N TYR C 69 18.59 1.17 9.92
CA TYR C 69 18.91 0.04 9.05
C TYR C 69 17.98 -1.13 9.37
N THR C 70 17.36 -1.71 8.34
CA THR C 70 16.52 -2.87 8.54
C THR C 70 17.33 -4.13 8.20
N HIS C 71 17.46 -5.02 9.17
CA HIS C 71 18.30 -6.19 9.08
C HIS C 71 17.43 -7.45 9.01
N THR C 72 17.91 -8.43 8.25
CA THR C 72 17.21 -9.71 8.04
C THR C 72 18.10 -10.81 8.59
N PRO C 73 18.07 -11.04 9.91
CA PRO C 73 18.94 -12.10 10.48
C PRO C 73 18.57 -13.49 9.99
N ARG C 74 17.30 -13.87 10.09
CA ARG C 74 16.78 -15.09 9.50
C ARG C 74 15.83 -14.74 8.37
N ARG C 75 15.51 -15.75 7.56
CA ARG C 75 14.60 -15.55 6.45
CA ARG C 75 14.60 -15.55 6.45
C ARG C 75 13.25 -15.07 6.95
N TRP C 76 12.74 -14.00 6.32
CA TRP C 76 11.44 -13.42 6.68
C TRP C 76 11.36 -13.04 8.15
N SER C 77 12.44 -12.44 8.66
CA SER C 77 12.46 -11.85 9.99
C SER C 77 13.23 -10.55 9.93
N TRP C 78 12.74 -9.52 10.61
CA TRP C 78 13.27 -8.17 10.43
C TRP C 78 13.51 -7.48 11.76
N ILE C 79 14.61 -6.73 11.83
CA ILE C 79 15.01 -5.99 13.02
C ILE C 79 15.41 -4.59 12.59
N LEU C 80 14.98 -3.58 13.36
CA LEU C 80 15.36 -2.20 13.10
C LEU C 80 16.55 -1.83 13.96
N ILE C 81 17.60 -1.28 13.33
CA ILE C 81 18.83 -0.91 14.01
C ILE C 81 18.99 0.60 13.94
N LEU C 82 19.17 1.22 15.10
CA LEU C 82 19.40 2.65 15.22
C LEU C 82 20.84 2.90 15.63
N ARG C 83 21.51 3.78 14.88
CA ARG C 83 22.86 4.22 15.18
C ARG C 83 22.85 5.55 15.90
N ASN C 84 23.96 5.84 16.59
CA ASN C 84 24.19 7.11 17.25
C ASN C 84 22.97 7.56 18.05
N LEU C 85 22.59 6.72 19.02
CA LEU C 85 21.39 6.98 19.80
C LEU C 85 21.52 8.28 20.58
N ILE C 86 20.49 9.11 20.48
CA ILE C 86 20.37 10.33 21.27
C ILE C 86 19.13 10.20 22.15
N GLU C 87 19.04 11.12 23.11
CA GLU C 87 17.91 11.11 24.04
C GLU C 87 16.58 11.24 23.30
N ASN C 88 16.55 11.98 22.19
CA ASN C 88 15.32 12.17 21.43
C ASN C 88 14.87 10.93 20.68
N ASP C 89 15.72 9.91 20.58
CA ASP C 89 15.31 8.66 19.93
C ASP C 89 14.36 7.84 20.78
N SER C 90 14.15 8.21 22.04
N SER C 90 14.15 8.21 22.04
CA SER C 90 13.27 7.46 22.92
CA SER C 90 13.26 7.46 22.92
C SER C 90 11.83 7.52 22.43
C SER C 90 11.83 7.52 22.42
N GLY C 91 11.11 6.42 22.60
CA GLY C 91 9.72 6.34 22.17
C GLY C 91 9.39 4.92 21.77
N VAL C 92 8.12 4.74 21.40
CA VAL C 92 7.63 3.42 21.02
C VAL C 92 7.78 3.24 19.52
N TYR C 93 8.50 2.20 19.11
CA TYR C 93 8.72 1.89 17.71
C TYR C 93 7.84 0.71 17.31
N TYR C 94 7.08 0.89 16.23
CA TYR C 94 6.21 -0.14 15.70
C TYR C 94 6.69 -0.57 14.31
N CYS C 95 6.52 -1.84 13.99
CA CYS C 95 6.60 -2.31 12.63
C CYS C 95 5.18 -2.52 12.10
N ALA C 96 4.97 -2.22 10.83
CA ALA C 96 3.62 -2.24 10.28
C ALA C 96 3.66 -2.65 8.82
N THR C 97 2.52 -3.11 8.33
CA THR C 97 2.39 -3.45 6.91
C THR C 97 0.92 -3.46 6.53
N TRP C 98 0.66 -3.24 5.25
CA TRP C 98 -0.67 -3.44 4.71
C TRP C 98 -0.96 -4.92 4.56
N ASP C 99 -2.24 -5.27 4.62
CA ASP C 99 -2.65 -6.66 4.43
C ASP C 99 -2.60 -6.98 2.93
N ARG C 100 -3.10 -8.17 2.56
CA ARG C 100 -2.90 -8.67 1.20
C ARG C 100 -3.60 -7.78 0.16
N LEU C 101 -4.82 -7.33 0.45
CA LEU C 101 -5.58 -6.53 -0.49
C LEU C 101 -5.51 -5.04 -0.20
N TYR C 102 -4.60 -4.62 0.70
CA TYR C 102 -4.42 -3.21 1.05
C TYR C 102 -5.69 -2.60 1.61
N TYR C 103 -6.49 -3.45 2.28
CA TYR C 103 -7.62 -2.96 3.08
C TYR C 103 -7.14 -2.07 4.21
N LYS C 104 -6.38 -2.65 5.14
CA LYS C 104 -5.99 -1.96 6.36
C LYS C 104 -4.49 -2.14 6.59
N LYS C 105 -3.95 -1.36 7.51
CA LYS C 105 -2.53 -1.39 7.86
C LYS C 105 -2.40 -1.92 9.28
N LEU C 106 -1.89 -3.14 9.41
CA LEU C 106 -1.68 -3.75 10.72
C LEU C 106 -0.36 -3.28 11.32
N PHE C 107 -0.37 -3.09 12.65
CA PHE C 107 0.79 -2.67 13.42
C PHE C 107 1.19 -3.74 14.40
N GLY C 108 2.47 -3.78 14.73
CA GLY C 108 3.00 -4.72 15.69
C GLY C 108 2.75 -4.28 17.13
N SER C 109 3.25 -5.10 18.05
CA SER C 109 3.04 -4.81 19.47
C SER C 109 3.80 -3.57 19.92
N GLY C 110 4.90 -3.26 19.27
CA GLY C 110 5.64 -2.05 19.63
C GLY C 110 6.69 -2.32 20.68
N THR C 111 7.78 -1.57 20.60
CA THR C 111 8.91 -1.69 21.52
C THR C 111 9.28 -0.31 22.04
N THR C 112 9.30 -0.15 23.35
CA THR C 112 9.65 1.14 23.95
C THR C 112 11.17 1.25 24.04
N LEU C 113 11.75 2.16 23.26
CA LEU C 113 13.17 2.46 23.32
C LEU C 113 13.41 3.55 24.34
N VAL C 114 14.24 3.26 25.34
CA VAL C 114 14.63 4.21 26.37
C VAL C 114 16.12 4.46 26.22
N VAL C 115 16.47 5.68 25.81
CA VAL C 115 17.85 6.07 25.59
C VAL C 115 18.26 6.97 26.74
N THR C 116 19.01 6.43 27.69
CA THR C 116 19.52 7.20 28.82
C THR C 116 20.99 6.89 29.04
N ASP C 117 21.78 7.93 29.25
CA ASP C 117 23.18 7.81 29.60
C ASP C 117 23.41 8.04 31.09
N LYS C 118 22.35 8.02 31.89
CA LYS C 118 22.45 8.21 33.33
C LYS C 118 23.01 6.96 34.00
N GLN C 119 23.70 7.17 35.13
CA GLN C 119 24.20 6.06 35.91
C GLN C 119 23.04 5.28 36.51
N LEU C 120 23.11 3.95 36.42
CA LEU C 120 22.09 3.08 36.98
C LEU C 120 22.76 1.96 37.75
N ASP C 121 21.99 1.39 38.69
CA ASP C 121 22.47 0.28 39.50
C ASP C 121 22.75 -0.94 38.62
N ALA C 122 23.70 -1.77 39.07
CA ALA C 122 24.02 -2.98 38.33
C ALA C 122 22.85 -3.95 38.27
N ASP C 123 21.90 -3.84 39.19
CA ASP C 123 20.69 -4.66 39.19
C ASP C 123 19.49 -3.74 39.12
N VAL C 124 18.83 -3.71 37.96
CA VAL C 124 17.61 -2.93 37.80
C VAL C 124 16.45 -3.86 37.47
N SER C 125 16.57 -5.12 37.89
CA SER C 125 15.47 -6.05 37.77
C SER C 125 14.40 -5.76 38.82
N PRO C 126 13.14 -6.14 38.57
CA PRO C 126 12.11 -5.94 39.58
C PRO C 126 12.40 -6.74 40.84
N LYS C 127 12.56 -6.03 41.95
CA LYS C 127 12.78 -6.68 43.24
C LYS C 127 11.44 -7.05 43.86
N PRO C 128 11.21 -8.32 44.18
CA PRO C 128 9.89 -8.75 44.66
C PRO C 128 9.74 -8.75 46.17
N THR C 129 8.52 -8.43 46.60
CA THR C 129 8.12 -8.45 47.99
C THR C 129 6.72 -9.04 48.07
N ILE C 130 6.50 -9.91 49.04
CA ILE C 130 5.33 -10.79 49.11
C ILE C 130 4.50 -10.40 50.32
N PHE C 131 3.20 -10.22 50.12
CA PHE C 131 2.27 -9.88 51.19
C PHE C 131 1.16 -10.91 51.24
N LEU C 132 1.12 -11.68 52.32
CA LEU C 132 0.06 -12.66 52.54
C LEU C 132 -1.25 -11.95 52.90
N PRO C 133 -2.39 -12.60 52.66
CA PRO C 133 -3.68 -11.94 52.91
C PRO C 133 -3.90 -11.65 54.39
N SER C 134 -4.71 -10.63 54.65
CA SER C 134 -5.06 -10.27 56.01
C SER C 134 -5.86 -11.38 56.68
N ILE C 135 -5.52 -11.68 57.93
CA ILE C 135 -6.20 -12.73 58.67
C ILE C 135 -7.66 -12.38 58.89
N ALA C 136 -7.94 -11.11 59.23
CA ALA C 136 -9.31 -10.66 59.38
C ALA C 136 -10.09 -10.85 58.08
N GLU C 137 -9.43 -10.65 56.94
CA GLU C 137 -10.09 -10.85 55.65
C GLU C 137 -10.52 -12.29 55.47
N THR C 138 -9.63 -13.23 55.76
CA THR C 138 -9.98 -14.65 55.62
C THR C 138 -11.09 -15.03 56.59
N LYS C 139 -11.05 -14.50 57.81
CA LYS C 139 -12.06 -14.86 58.80
C LYS C 139 -13.43 -14.28 58.48
N LEU C 140 -13.47 -13.04 57.97
CA LEU C 140 -14.75 -12.35 57.77
C LEU C 140 -15.29 -12.51 56.35
N GLN C 141 -14.51 -12.11 55.36
CA GLN C 141 -14.98 -12.03 53.98
C GLN C 141 -14.87 -13.35 53.22
N LYS C 142 -14.33 -14.40 53.85
CA LYS C 142 -14.18 -15.71 53.21
C LYS C 142 -13.35 -15.63 51.93
N ALA C 143 -12.34 -14.76 51.92
CA ALA C 143 -11.50 -14.57 50.76
C ALA C 143 -10.07 -14.28 51.23
N GLY C 144 -9.18 -14.08 50.26
CA GLY C 144 -7.80 -13.75 50.59
C GLY C 144 -7.10 -12.96 49.50
N THR C 145 -6.47 -11.85 49.86
CA THR C 145 -5.82 -10.97 48.89
C THR C 145 -4.31 -11.07 49.06
N TYR C 146 -3.65 -11.68 48.07
CA TYR C 146 -2.20 -11.63 47.96
C TYR C 146 -1.78 -10.28 47.37
N LEU C 147 -0.60 -9.81 47.78
CA LEU C 147 -0.04 -8.59 47.20
C LEU C 147 1.39 -8.85 46.76
N CYS C 148 1.68 -8.48 45.50
CA CYS C 148 2.98 -8.69 44.86
C CYS C 148 3.53 -7.31 44.54
N LEU C 149 4.60 -6.92 45.24
CA LEU C 149 5.19 -5.58 45.09
C LEU C 149 6.56 -5.71 44.46
N LEU C 150 6.78 -5.04 43.33
CA LEU C 150 8.07 -5.05 42.65
C LEU C 150 8.62 -3.63 42.62
N GLU C 151 9.85 -3.49 43.09
CA GLU C 151 10.44 -2.18 43.28
C GLU C 151 11.87 -2.14 42.74
N LYS C 152 12.33 -0.91 42.46
CA LYS C 152 13.70 -0.64 42.04
C LYS C 152 14.04 -1.37 40.73
N PHE C 153 13.26 -1.06 39.69
CA PHE C 153 13.50 -1.60 38.36
C PHE C 153 13.46 -0.48 37.33
N PHE C 154 14.15 -0.72 36.21
CA PHE C 154 14.24 0.23 35.12
C PHE C 154 14.34 -0.56 33.83
N PRO C 155 13.64 -0.15 32.77
CA PRO C 155 12.74 1.00 32.66
C PRO C 155 11.34 0.69 33.21
N ASP C 156 10.37 1.55 32.90
CA ASP C 156 9.04 1.46 33.49
C ASP C 156 8.13 0.47 32.78
N VAL C 157 8.55 -0.12 31.67
CA VAL C 157 7.74 -1.10 30.97
C VAL C 157 7.82 -2.44 31.70
N ILE C 158 6.69 -2.94 32.16
CA ILE C 158 6.63 -4.17 32.95
C ILE C 158 5.23 -4.74 32.86
N LYS C 159 5.14 -6.08 32.79
CA LYS C 159 3.87 -6.77 32.73
C LYS C 159 3.75 -7.72 33.91
N ILE C 160 2.55 -7.79 34.51
CA ILE C 160 2.29 -8.63 35.67
C ILE C 160 0.98 -9.37 35.46
N HIS C 161 0.98 -10.68 35.71
CA HIS C 161 -0.27 -11.43 35.76
C HIS C 161 -0.12 -12.53 36.80
N TRP C 162 -1.21 -13.26 37.04
CA TRP C 162 -1.25 -14.25 38.11
C TRP C 162 -1.76 -15.58 37.58
N GLN C 163 -1.19 -16.67 38.11
CA GLN C 163 -1.62 -18.01 37.76
C GLN C 163 -1.58 -18.88 39.00
N GLU C 164 -2.01 -20.13 38.85
CA GLU C 164 -1.93 -21.13 39.91
C GLU C 164 -0.96 -22.23 39.49
N LYS C 165 -0.35 -22.87 40.48
CA LYS C 165 0.50 -24.02 40.19
C LYS C 165 -0.34 -25.15 39.59
N LYS C 166 0.21 -25.79 38.57
CA LYS C 166 -0.46 -26.84 37.81
C LYS C 166 -1.71 -26.35 37.09
N SER C 167 -1.85 -25.03 36.92
CA SER C 167 -2.99 -24.44 36.23
C SER C 167 -2.49 -23.39 35.25
N ASN C 168 -3.12 -23.34 34.07
CA ASN C 168 -2.81 -22.35 33.06
C ASN C 168 -3.86 -21.26 32.97
N THR C 169 -4.69 -21.11 34.00
CA THR C 169 -5.74 -20.11 33.97
C THR C 169 -5.19 -18.75 34.40
N ILE C 170 -5.45 -17.73 33.58
CA ILE C 170 -5.05 -16.36 33.90
C ILE C 170 -6.05 -15.82 34.91
N LEU C 171 -5.62 -15.67 36.16
CA LEU C 171 -6.50 -15.21 37.21
C LEU C 171 -6.76 -13.71 37.07
N GLY C 172 -7.91 -13.28 37.58
CA GLY C 172 -8.30 -11.89 37.48
C GLY C 172 -7.71 -11.06 38.59
N SER C 173 -6.62 -10.37 38.29
CA SER C 173 -5.91 -9.54 39.25
C SER C 173 -6.16 -8.07 38.94
N GLN C 174 -5.80 -7.22 39.91
CA GLN C 174 -5.84 -5.79 39.75
C GLN C 174 -4.49 -5.22 40.11
N GLU C 175 -4.10 -4.14 39.44
CA GLU C 175 -2.77 -3.57 39.61
C GLU C 175 -2.86 -2.06 39.74
N GLY C 176 -1.92 -1.50 40.50
CA GLY C 176 -1.79 -0.06 40.61
C GLY C 176 -0.92 0.51 39.51
N ASN C 177 -0.82 1.84 39.50
CA ASN C 177 -0.02 2.52 38.50
C ASN C 177 1.47 2.28 38.76
N THR C 178 2.25 2.43 37.69
CA THR C 178 3.71 2.36 37.79
C THR C 178 4.23 3.69 38.28
N MET C 179 4.74 3.73 39.50
CA MET C 179 5.16 4.97 40.14
C MET C 179 6.68 5.06 40.19
N LYS C 180 7.17 6.29 40.34
CA LYS C 180 8.59 6.59 40.26
C LYS C 180 9.22 6.55 41.64
N THR C 181 10.34 5.83 41.76
CA THR C 181 11.09 5.72 43.01
C THR C 181 12.50 6.25 42.72
N ASN C 182 12.68 7.55 42.89
CA ASN C 182 13.93 8.25 42.59
C ASN C 182 14.31 8.07 41.12
N ASP C 183 15.27 7.19 40.82
CA ASP C 183 15.67 6.95 39.44
C ASP C 183 15.21 5.59 38.92
N THR C 184 14.34 4.90 39.66
CA THR C 184 13.79 3.63 39.21
C THR C 184 12.27 3.68 39.28
N TYR C 185 11.61 2.53 39.13
CA TYR C 185 10.16 2.47 39.14
C TYR C 185 9.69 1.34 40.03
N MET C 186 8.40 1.37 40.37
CA MET C 186 7.79 0.36 41.23
C MET C 186 6.34 0.17 40.83
N LYS C 187 5.86 -1.07 40.96
CA LYS C 187 4.49 -1.41 40.66
C LYS C 187 4.05 -2.55 41.58
N PHE C 188 2.78 -2.52 41.99
CA PHE C 188 2.24 -3.60 42.79
C PHE C 188 0.94 -4.10 42.19
N SER C 189 0.67 -5.38 42.39
CA SER C 189 -0.56 -6.01 41.93
C SER C 189 -1.09 -6.93 43.02
N TRP C 190 -2.39 -6.86 43.26
CA TRP C 190 -3.04 -7.71 44.26
C TRP C 190 -4.05 -8.62 43.60
N LEU C 191 -4.20 -9.81 44.18
CA LEU C 191 -5.13 -10.82 43.69
C LEU C 191 -6.03 -11.28 44.82
N THR C 192 -7.33 -11.24 44.60
CA THR C 192 -8.32 -11.76 45.54
C THR C 192 -8.74 -13.15 45.10
N VAL C 193 -8.63 -14.12 46.00
CA VAL C 193 -9.06 -15.49 45.73
C VAL C 193 -10.20 -15.84 46.68
N PRO C 194 -11.16 -16.64 46.23
CA PRO C 194 -12.25 -17.06 47.13
C PRO C 194 -11.78 -18.10 48.14
N GLU C 195 -12.70 -18.58 48.98
CA GLU C 195 -12.33 -19.54 50.01
C GLU C 195 -11.86 -20.87 49.44
N GLU C 196 -12.16 -21.13 48.17
CA GLU C 196 -11.82 -22.41 47.54
C GLU C 196 -10.39 -22.47 47.03
N SER C 197 -9.61 -21.40 47.17
CA SER C 197 -8.29 -21.34 46.56
C SER C 197 -7.17 -20.87 47.48
N LEU C 198 -7.44 -20.63 48.77
CA LEU C 198 -6.35 -20.32 49.70
C LEU C 198 -5.37 -21.47 49.78
N ASP C 199 -5.89 -22.70 49.76
CA ASP C 199 -5.14 -23.94 49.82
C ASP C 199 -4.26 -24.18 48.60
N LYS C 200 -4.43 -23.41 47.53
CA LYS C 200 -3.60 -23.55 46.34
C LYS C 200 -2.41 -22.61 46.40
N GLU C 201 -1.31 -23.01 45.75
CA GLU C 201 -0.13 -22.18 45.62
C GLU C 201 -0.28 -21.29 44.38
N HIS C 202 0.05 -20.01 44.53
CA HIS C 202 -0.18 -19.05 43.45
C HIS C 202 1.15 -18.50 42.93
N ARG C 203 1.07 -17.87 41.76
CA ARG C 203 2.25 -17.41 41.03
C ARG C 203 2.02 -16.00 40.53
N CYS C 204 2.93 -15.09 40.89
CA CYS C 204 2.99 -13.73 40.36
C CYS C 204 4.02 -13.75 39.24
N ILE C 205 3.55 -13.72 37.99
CA ILE C 205 4.42 -13.78 36.82
C ILE C 205 4.70 -12.35 36.37
N VAL C 206 5.98 -12.01 36.27
CA VAL C 206 6.43 -10.66 35.95
C VAL C 206 7.35 -10.72 34.74
N ARG C 207 6.99 -9.99 33.69
CA ARG C 207 7.79 -9.88 32.47
C ARG C 207 8.42 -8.49 32.45
N HIS C 208 9.75 -8.46 32.44
CA HIS C 208 10.50 -7.21 32.41
C HIS C 208 11.74 -7.40 31.55
N GLU C 209 12.20 -6.30 30.95
CA GLU C 209 13.35 -6.36 30.06
C GLU C 209 14.60 -6.84 30.78
N ASN C 210 14.85 -6.32 31.98
CA ASN C 210 16.07 -6.62 32.72
C ASN C 210 15.87 -7.66 33.82
N ASN C 211 14.94 -8.58 33.61
CA ASN C 211 14.86 -9.75 34.50
C ASN C 211 16.14 -10.57 34.37
N LYS C 212 16.53 -11.21 35.48
CA LYS C 212 17.72 -12.02 35.48
C LYS C 212 17.60 -13.14 34.46
N ASN C 213 18.66 -13.31 33.66
CA ASN C 213 18.76 -14.31 32.60
C ASN C 213 17.75 -14.08 31.48
N GLY C 214 17.07 -12.93 31.47
CA GLY C 214 16.11 -12.63 30.42
C GLY C 214 14.95 -13.59 30.36
N VAL C 215 14.47 -14.05 31.52
CA VAL C 215 13.33 -14.96 31.59
C VAL C 215 12.29 -14.37 32.52
N ASP C 216 11.04 -14.75 32.30
CA ASP C 216 9.95 -14.26 33.14
C ASP C 216 10.16 -14.69 34.58
N GLN C 217 9.93 -13.76 35.51
CA GLN C 217 10.11 -14.03 36.93
C GLN C 217 8.83 -14.58 37.53
N GLU C 218 8.95 -15.73 38.19
CA GLU C 218 7.83 -16.32 38.91
C GLU C 218 8.04 -16.10 40.41
N ILE C 219 7.11 -15.38 41.02
CA ILE C 219 7.13 -15.14 42.46
C ILE C 219 6.12 -16.06 43.12
N ILE C 220 6.57 -16.82 44.09
CA ILE C 220 5.74 -17.83 44.73
C ILE C 220 4.85 -17.19 45.79
N PHE C 221 3.61 -17.64 45.87
CA PHE C 221 2.72 -17.24 46.96
C PHE C 221 2.20 -18.51 47.62
N PRO C 222 2.69 -18.84 48.81
CA PRO C 222 2.36 -20.11 49.44
C PRO C 222 0.89 -20.18 49.81
N PRO C 223 0.33 -21.39 49.92
CA PRO C 223 -1.07 -21.51 50.32
C PRO C 223 -1.27 -21.16 51.79
N ILE C 224 -2.53 -20.92 52.13
CA ILE C 224 -2.89 -20.59 53.50
C ILE C 224 -3.84 -21.65 54.04
N ARG D 1 -12.17 11.73 -28.94
CA ARG D 1 -10.99 11.75 -28.08
C ARG D 1 -11.23 10.96 -26.80
N LEU D 2 -11.17 9.63 -26.91
CA LEU D 2 -11.24 8.74 -25.76
C LEU D 2 -9.85 8.26 -25.41
N PHE D 3 -9.56 8.11 -24.11
CA PHE D 3 -8.21 7.76 -23.68
C PHE D 3 -8.28 6.52 -22.80
N PRO D 4 -8.40 5.35 -23.42
CA PRO D 4 -8.37 4.10 -22.65
C PRO D 4 -6.96 3.74 -22.23
N LEU D 5 -6.83 3.07 -21.10
CA LEU D 5 -5.53 2.57 -20.69
C LEU D 5 -5.46 1.13 -21.17
N ARG D 6 -4.51 0.85 -22.06
CA ARG D 6 -4.28 -0.48 -22.60
C ARG D 6 -2.90 -0.98 -22.19
N CYS D 7 -2.87 -2.05 -21.42
CA CYS D 7 -1.63 -2.72 -21.05
C CYS D 7 -1.55 -3.98 -21.89
N LEU D 8 -0.51 -4.08 -22.70
CA LEU D 8 -0.35 -5.17 -23.65
C LEU D 8 0.87 -6.00 -23.28
N GLN D 9 0.71 -7.32 -23.34
CA GLN D 9 1.79 -8.27 -23.04
C GLN D 9 1.89 -9.23 -24.21
N ILE D 10 3.14 -9.44 -24.65
CA ILE D 10 3.46 -10.33 -25.76
C ILE D 10 4.48 -11.33 -25.22
N SER D 11 4.04 -12.56 -24.99
CA SER D 11 4.84 -13.64 -24.43
C SER D 11 5.02 -14.75 -25.45
N SER D 12 6.27 -15.06 -25.74
CA SER D 12 6.61 -16.08 -26.71
C SER D 12 7.35 -17.17 -25.96
N PHE D 13 6.96 -18.43 -26.23
CA PHE D 13 7.53 -19.61 -25.59
C PHE D 13 8.03 -20.56 -26.68
N ALA D 14 9.33 -20.54 -26.98
CA ALA D 14 9.90 -21.44 -27.97
C ALA D 14 11.03 -22.23 -27.34
N ASN D 15 11.16 -23.50 -27.73
CA ASN D 15 12.26 -24.37 -27.32
C ASN D 15 12.16 -24.85 -25.87
N SER D 16 11.17 -24.36 -25.10
CA SER D 16 10.94 -24.64 -23.68
C SER D 16 12.07 -24.09 -22.80
N SER D 17 13.14 -23.64 -23.44
CA SER D 17 14.37 -23.15 -22.80
C SER D 17 14.64 -21.73 -23.25
N TRP D 18 13.69 -21.18 -24.01
CA TRP D 18 13.62 -19.85 -24.59
C TRP D 18 12.22 -19.30 -24.42
N THR D 19 12.14 -18.13 -23.82
CA THR D 19 10.88 -17.47 -23.60
C THR D 19 11.18 -16.00 -23.41
N ARG D 20 10.22 -15.17 -23.77
CA ARG D 20 10.35 -13.75 -23.49
C ARG D 20 8.97 -13.16 -23.28
N THR D 21 8.91 -12.18 -22.40
CA THR D 21 7.68 -11.46 -22.14
C THR D 21 8.01 -10.00 -22.30
N ASP D 22 7.24 -9.31 -23.12
CA ASP D 22 7.43 -7.88 -23.33
C ASP D 22 6.08 -7.20 -23.17
N GLY D 23 6.10 -5.97 -22.70
CA GLY D 23 4.84 -5.30 -22.43
C GLY D 23 4.95 -3.82 -22.72
N LEU D 24 3.80 -3.20 -22.88
CA LEU D 24 3.78 -1.75 -23.05
C LEU D 24 2.44 -1.25 -22.55
N ALA D 25 2.40 0.02 -22.21
CA ALA D 25 1.17 0.62 -21.74
C ALA D 25 0.92 1.84 -22.61
N TRP D 26 -0.31 1.94 -23.12
CA TRP D 26 -0.80 3.04 -23.95
C TRP D 26 -1.89 3.80 -23.22
N LEU D 27 -1.80 5.12 -23.25
CA LEU D 27 -2.88 6.00 -22.80
C LEU D 27 -3.36 6.76 -24.03
N GLY D 28 -4.52 6.37 -24.55
CA GLY D 28 -4.92 6.88 -25.86
C GLY D 28 -3.99 6.39 -26.96
N GLU D 29 -3.35 7.33 -27.64
CA GLU D 29 -2.42 7.04 -28.73
C GLU D 29 -0.97 7.19 -28.31
N LEU D 30 -0.71 7.52 -27.05
CA LEU D 30 0.64 7.73 -26.57
C LEU D 30 1.09 6.50 -25.80
N GLN D 31 2.30 6.03 -26.08
CA GLN D 31 2.86 4.93 -25.33
C GLN D 31 3.47 5.49 -24.06
N THR D 32 2.95 5.05 -22.92
CA THR D 32 3.40 5.59 -21.64
C THR D 32 4.39 4.67 -20.95
N HIS D 33 4.37 3.37 -21.22
CA HIS D 33 5.30 2.49 -20.52
C HIS D 33 5.83 1.42 -21.46
N SER D 34 7.01 0.90 -21.13
CA SER D 34 7.67 -0.19 -21.84
C SER D 34 8.27 -1.15 -20.83
N TRP D 35 8.14 -2.45 -21.09
CA TRP D 35 8.54 -3.50 -20.18
C TRP D 35 9.31 -4.56 -20.98
N SER D 36 10.63 -4.51 -20.93
CA SER D 36 11.45 -5.44 -21.68
C SER D 36 11.83 -6.63 -20.81
N ASN D 37 11.99 -7.80 -21.46
CA ASN D 37 12.37 -9.01 -20.73
C ASN D 37 13.74 -8.93 -20.07
N ASP D 38 14.70 -8.18 -20.63
CA ASP D 38 16.01 -8.16 -19.98
C ASP D 38 16.12 -7.15 -18.84
N SER D 39 15.02 -6.47 -18.48
CA SER D 39 15.01 -5.47 -17.43
C SER D 39 14.09 -5.98 -16.34
N ASP D 40 14.41 -5.66 -15.07
CA ASP D 40 13.55 -6.09 -13.98
C ASP D 40 12.31 -5.22 -13.76
N THR D 41 12.25 -3.99 -14.30
CA THR D 41 11.12 -3.11 -14.01
C THR D 41 10.56 -2.51 -15.29
N VAL D 42 9.30 -2.11 -15.20
CA VAL D 42 8.65 -1.28 -16.21
C VAL D 42 9.25 0.12 -16.26
N ARG D 43 9.56 0.58 -17.47
CA ARG D 43 10.25 1.83 -17.73
C ARG D 43 9.23 2.90 -18.08
N SER D 44 9.36 4.08 -17.47
CA SER D 44 8.47 5.19 -17.78
C SER D 44 8.98 5.92 -19.02
N LEU D 45 8.08 6.17 -19.97
CA LEU D 45 8.44 6.89 -21.19
C LEU D 45 8.09 8.36 -21.14
N LYS D 46 7.29 8.79 -20.17
CA LYS D 46 6.88 10.18 -20.06
C LYS D 46 7.18 10.70 -18.66
N PRO D 47 7.46 12.00 -18.53
CA PRO D 47 7.62 12.57 -17.17
C PRO D 47 6.40 12.39 -16.30
N TRP D 48 5.22 12.18 -16.88
CA TRP D 48 3.98 12.03 -16.12
C TRP D 48 3.49 10.58 -16.10
N SER D 49 4.35 9.63 -16.45
CA SER D 49 3.91 8.23 -16.57
C SER D 49 3.49 7.63 -15.24
N GLN D 50 3.90 8.22 -14.11
CA GLN D 50 3.50 7.69 -12.81
C GLN D 50 2.10 8.14 -12.40
N GLY D 51 1.48 9.04 -13.14
CA GLY D 51 0.15 9.52 -12.78
C GLY D 51 0.20 10.28 -11.47
N THR D 52 -0.77 10.00 -10.60
CA THR D 52 -0.80 10.56 -9.26
C THR D 52 -0.45 9.52 -8.21
N PHE D 53 0.06 8.37 -8.62
CA PHE D 53 0.54 7.35 -7.71
C PHE D 53 1.80 7.81 -6.99
N SER D 54 1.87 7.50 -5.70
CA SER D 54 3.08 7.80 -4.95
C SER D 54 4.21 6.89 -5.41
N ASP D 55 5.42 7.20 -4.93
CA ASP D 55 6.59 6.41 -5.27
C ASP D 55 6.44 4.97 -4.79
N GLN D 56 5.90 4.81 -3.58
CA GLN D 56 5.69 3.48 -3.02
C GLN D 56 4.62 2.70 -3.78
N GLN D 57 3.53 3.37 -4.18
CA GLN D 57 2.51 2.69 -4.96
C GLN D 57 3.05 2.18 -6.29
N TRP D 58 3.90 2.97 -6.95
CA TRP D 58 4.44 2.50 -8.22
C TRP D 58 5.42 1.36 -7.99
N GLU D 59 6.22 1.42 -6.94
CA GLU D 59 7.12 0.30 -6.67
C GLU D 59 6.34 -0.96 -6.26
N THR D 60 5.21 -0.79 -5.57
CA THR D 60 4.33 -1.92 -5.27
C THR D 60 3.85 -2.57 -6.56
N LEU D 61 3.44 -1.76 -7.54
CA LEU D 61 3.01 -2.32 -8.81
C LEU D 61 4.17 -3.00 -9.52
N GLN D 62 5.38 -2.45 -9.37
CA GLN D 62 6.56 -3.08 -9.97
C GLN D 62 6.80 -4.47 -9.39
N HIS D 63 6.70 -4.61 -8.06
CA HIS D 63 6.89 -5.92 -7.43
C HIS D 63 5.80 -6.89 -7.89
N ILE D 64 4.59 -6.37 -8.00
CA ILE D 64 3.46 -7.18 -8.46
C ILE D 64 3.74 -7.70 -9.86
N PHE D 65 4.24 -6.83 -10.74
CA PHE D 65 4.51 -7.23 -12.11
C PHE D 65 5.70 -8.18 -12.23
N ARG D 66 6.74 -8.05 -11.39
CA ARG D 66 7.83 -9.04 -11.45
C ARG D 66 7.32 -10.42 -11.08
N VAL D 67 6.52 -10.49 -10.01
CA VAL D 67 5.95 -11.78 -9.61
C VAL D 67 5.01 -12.27 -10.70
N TYR D 68 4.25 -11.35 -11.31
CA TYR D 68 3.30 -11.74 -12.33
C TYR D 68 4.01 -12.37 -13.52
N ARG D 69 5.12 -11.75 -13.94
CA ARG D 69 5.86 -12.22 -15.10
C ARG D 69 6.45 -13.61 -14.88
N SER D 70 7.13 -13.80 -13.74
CA SER D 70 7.72 -15.11 -13.48
C SER D 70 6.65 -16.18 -13.29
N SER D 71 5.56 -15.84 -12.61
CA SER D 71 4.52 -16.83 -12.38
C SER D 71 3.77 -17.15 -13.66
N PHE D 72 3.48 -16.15 -14.50
CA PHE D 72 2.85 -16.41 -15.79
C PHE D 72 3.70 -17.33 -16.66
N THR D 73 5.01 -17.06 -16.77
CA THR D 73 5.85 -17.94 -17.58
C THR D 73 5.85 -19.37 -17.05
N ARG D 74 5.96 -19.51 -15.73
CA ARG D 74 5.96 -20.85 -15.15
C ARG D 74 4.60 -21.53 -15.30
N ASP D 75 3.50 -20.79 -15.16
CA ASP D 75 2.19 -21.41 -15.27
C ASP D 75 1.92 -21.84 -16.70
N VAL D 76 2.37 -21.05 -17.68
CA VAL D 76 2.16 -21.41 -19.09
C VAL D 76 2.93 -22.67 -19.42
N LYS D 77 4.20 -22.74 -18.99
CA LYS D 77 5.01 -23.92 -19.25
C LYS D 77 4.44 -25.15 -18.54
N GLU D 78 3.82 -24.97 -17.37
CA GLU D 78 3.17 -26.10 -16.71
C GLU D 78 1.90 -26.50 -17.46
N PHE D 79 1.16 -25.53 -18.01
CA PHE D 79 0.00 -25.84 -18.81
C PHE D 79 0.40 -26.63 -20.05
N ALA D 80 1.49 -26.23 -20.69
CA ALA D 80 1.96 -26.92 -21.88
C ALA D 80 2.32 -28.35 -21.55
N LYS D 81 2.89 -28.54 -20.37
CA LYS D 81 3.15 -29.93 -20.01
C LYS D 81 1.92 -30.73 -19.59
N MET D 82 1.02 -30.18 -18.80
CA MET D 82 -0.13 -30.98 -18.40
C MET D 82 -0.98 -31.36 -19.64
N LEU D 83 -1.22 -30.43 -20.60
CA LEU D 83 -2.05 -30.78 -21.75
C LEU D 83 -1.12 -31.20 -22.89
N ARG D 84 -1.67 -31.30 -24.09
CA ARG D 84 -0.90 -31.66 -25.28
C ARG D 84 -0.66 -30.51 -26.25
N LEU D 85 -0.25 -29.34 -25.74
CA LEU D 85 0.06 -28.23 -26.65
C LEU D 85 1.55 -28.25 -27.02
N SER D 86 1.81 -28.09 -28.32
CA SER D 86 3.17 -28.16 -28.84
C SER D 86 3.81 -26.77 -28.83
N TYR D 87 5.09 -26.71 -28.49
CA TYR D 87 5.82 -25.46 -28.61
C TYR D 87 6.12 -25.19 -30.09
N PRO D 88 6.31 -23.92 -30.49
CA PRO D 88 6.29 -22.68 -29.70
C PRO D 88 4.86 -22.19 -29.41
N LEU D 89 4.63 -21.42 -28.36
CA LEU D 89 3.32 -20.87 -28.05
C LEU D 89 3.42 -19.35 -28.03
N GLU D 90 2.36 -18.69 -28.48
CA GLU D 90 2.33 -17.24 -28.62
C GLU D 90 1.14 -16.71 -27.83
N LEU D 91 1.37 -16.30 -26.59
CA LEU D 91 0.32 -15.76 -25.74
C LEU D 91 0.38 -14.24 -25.75
N GLN D 92 -0.80 -13.63 -25.82
CA GLN D 92 -0.96 -12.19 -25.79
C GLN D 92 -1.97 -11.84 -24.72
N VAL D 93 -1.71 -10.76 -24.00
CA VAL D 93 -2.62 -10.28 -22.98
C VAL D 93 -2.96 -8.84 -23.31
N SER D 94 -4.25 -8.52 -23.26
CA SER D 94 -4.74 -7.17 -23.44
C SER D 94 -5.60 -6.87 -22.22
N ALA D 95 -5.15 -5.97 -21.37
CA ALA D 95 -5.84 -5.69 -20.13
C ALA D 95 -5.87 -4.19 -19.98
N GLY D 96 -6.86 -3.69 -19.24
CA GLY D 96 -6.88 -2.26 -19.05
C GLY D 96 -8.27 -1.80 -18.66
N CYS D 97 -8.50 -0.51 -18.86
CA CYS D 97 -9.78 0.07 -18.47
C CYS D 97 -10.03 1.36 -19.23
N GLU D 98 -11.25 1.86 -19.08
CA GLU D 98 -11.69 3.15 -19.57
C GLU D 98 -12.61 3.78 -18.53
N VAL D 99 -12.45 5.09 -18.34
CA VAL D 99 -13.10 5.83 -17.27
C VAL D 99 -14.16 6.73 -17.88
N HIS D 100 -15.43 6.50 -17.54
CA HIS D 100 -16.48 7.49 -17.76
C HIS D 100 -16.46 8.53 -16.65
N PRO D 101 -16.52 9.80 -16.98
CA PRO D 101 -16.58 10.86 -15.96
C PRO D 101 -17.83 10.78 -15.07
N GLY D 102 -17.61 10.52 -13.78
CA GLY D 102 -18.64 10.66 -12.77
C GLY D 102 -19.73 9.61 -12.78
N ASN D 103 -19.64 8.60 -13.63
CA ASN D 103 -20.73 7.64 -13.82
C ASN D 103 -20.35 6.19 -13.61
N ALA D 104 -19.24 5.75 -14.18
CA ALA D 104 -18.93 4.33 -14.23
C ALA D 104 -17.56 4.16 -14.88
N SER D 105 -16.98 3.00 -14.63
CA SER D 105 -15.66 2.66 -15.15
C SER D 105 -15.83 1.25 -15.66
N ASN D 106 -14.96 0.88 -16.61
CA ASN D 106 -15.05 -0.46 -17.13
C ASN D 106 -13.66 -0.93 -17.49
N ASN D 107 -13.50 -2.25 -17.51
CA ASN D 107 -12.20 -2.85 -17.66
C ASN D 107 -12.29 -4.10 -18.50
N PHE D 108 -11.12 -4.70 -18.73
CA PHE D 108 -11.05 -5.89 -19.56
C PHE D 108 -9.72 -6.58 -19.29
N PHE D 109 -9.70 -7.88 -19.55
CA PHE D 109 -8.50 -8.69 -19.41
C PHE D 109 -8.74 -9.88 -20.35
N HIS D 110 -8.25 -9.77 -21.57
CA HIS D 110 -8.44 -10.75 -22.61
C HIS D 110 -7.11 -11.44 -22.91
N VAL D 111 -7.15 -12.75 -23.08
CA VAL D 111 -5.95 -13.52 -23.37
C VAL D 111 -6.15 -14.18 -24.72
N ALA D 112 -5.13 -14.10 -25.56
CA ALA D 112 -5.14 -14.70 -26.88
C ALA D 112 -4.00 -15.71 -26.98
N PHE D 113 -4.26 -16.77 -27.74
CA PHE D 113 -3.33 -17.85 -27.97
C PHE D 113 -3.30 -18.06 -29.48
N GLN D 114 -2.11 -17.92 -30.07
CA GLN D 114 -1.93 -17.99 -31.53
C GLN D 114 -2.82 -16.99 -32.24
N GLY D 115 -3.05 -15.83 -31.62
CA GLY D 115 -3.85 -14.79 -32.24
C GLY D 115 -5.34 -14.91 -32.05
N LYS D 116 -5.82 -15.82 -31.21
CA LYS D 116 -7.26 -16.00 -31.02
C LYS D 116 -7.61 -15.92 -29.55
N ASP D 117 -8.71 -15.22 -29.24
CA ASP D 117 -9.20 -15.15 -27.87
C ASP D 117 -9.44 -16.55 -27.32
N ILE D 118 -9.03 -16.76 -26.08
CA ILE D 118 -9.21 -18.06 -25.42
C ILE D 118 -9.96 -17.89 -24.09
N LEU D 119 -9.74 -16.77 -23.39
CA LEU D 119 -10.40 -16.61 -22.09
C LEU D 119 -10.36 -15.14 -21.73
N SER D 120 -11.18 -14.77 -20.75
CA SER D 120 -11.22 -13.40 -20.28
C SER D 120 -11.66 -13.40 -18.83
N PHE D 121 -11.44 -12.27 -18.17
CA PHE D 121 -11.83 -12.09 -16.78
C PHE D 121 -13.15 -11.33 -16.75
N GLN D 122 -14.20 -11.98 -16.25
CA GLN D 122 -15.54 -11.41 -16.20
C GLN D 122 -16.05 -11.45 -14.76
N GLY D 123 -16.22 -10.26 -14.17
CA GLY D 123 -16.75 -10.17 -12.84
C GLY D 123 -15.70 -10.50 -11.81
N THR D 124 -15.77 -11.74 -11.33
CA THR D 124 -14.84 -12.27 -10.36
C THR D 124 -14.18 -13.54 -10.84
N SER D 125 -14.45 -13.99 -12.07
CA SER D 125 -13.94 -15.29 -12.46
C SER D 125 -13.50 -15.28 -13.93
N TRP D 126 -12.80 -16.36 -14.30
CA TRP D 126 -12.36 -16.56 -15.67
C TRP D 126 -13.44 -17.27 -16.47
N GLU D 127 -13.65 -16.81 -17.69
CA GLU D 127 -14.63 -17.36 -18.62
C GLU D 127 -13.96 -17.69 -19.95
N PRO D 128 -14.25 -18.84 -20.55
CA PRO D 128 -13.61 -19.16 -21.83
C PRO D 128 -14.27 -18.37 -22.97
N THR D 129 -13.47 -18.08 -23.98
CA THR D 129 -13.97 -17.48 -25.21
C THR D 129 -14.91 -18.38 -25.98
N GLN D 130 -15.91 -17.76 -26.62
CA GLN D 130 -16.90 -18.50 -27.37
C GLN D 130 -16.16 -19.35 -28.41
N GLU D 131 -16.60 -20.60 -28.57
CA GLU D 131 -15.99 -21.54 -29.52
C GLU D 131 -14.50 -21.73 -29.20
N ALA D 132 -14.21 -22.09 -27.95
CA ALA D 132 -12.83 -22.30 -27.56
C ALA D 132 -12.49 -23.79 -27.56
N PRO D 133 -11.22 -24.15 -27.73
CA PRO D 133 -10.87 -25.57 -27.67
C PRO D 133 -11.22 -26.18 -26.31
N LEU D 134 -11.36 -27.51 -26.31
CA LEU D 134 -11.80 -28.18 -25.09
C LEU D 134 -10.81 -28.06 -23.94
N TRP D 135 -9.51 -28.07 -24.23
CA TRP D 135 -8.56 -28.02 -23.11
C TRP D 135 -8.63 -26.72 -22.35
N VAL D 136 -9.14 -25.65 -22.97
CA VAL D 136 -9.20 -24.38 -22.27
C VAL D 136 -10.14 -24.50 -21.08
N ASN D 137 -11.17 -25.35 -21.19
CA ASN D 137 -12.09 -25.49 -20.07
C ASN D 137 -11.38 -26.01 -18.83
N LEU D 138 -10.42 -26.92 -19.03
CA LEU D 138 -9.64 -27.42 -17.90
C LEU D 138 -8.81 -26.30 -17.29
N ALA D 139 -8.26 -25.44 -18.15
CA ALA D 139 -7.51 -24.30 -17.66
C ALA D 139 -8.40 -23.38 -16.84
N ILE D 140 -9.60 -23.08 -17.32
CA ILE D 140 -10.47 -22.25 -16.48
C ILE D 140 -10.63 -22.87 -15.10
N GLN D 141 -10.83 -24.19 -15.03
CA GLN D 141 -11.05 -24.79 -13.72
C GLN D 141 -9.87 -24.58 -12.78
N VAL D 142 -8.64 -24.67 -13.30
CA VAL D 142 -7.51 -24.47 -12.39
C VAL D 142 -7.45 -23.00 -12.00
N LEU D 143 -7.66 -22.10 -12.96
CA LEU D 143 -7.54 -20.70 -12.61
C LEU D 143 -8.61 -20.36 -11.58
N ASN D 144 -9.80 -20.94 -11.72
CA ASN D 144 -10.82 -20.55 -10.75
C ASN D 144 -10.58 -21.18 -9.38
N GLN D 145 -9.65 -22.12 -9.25
CA GLN D 145 -9.32 -22.55 -7.90
C GLN D 145 -8.45 -21.53 -7.16
N ASP D 146 -7.77 -20.64 -7.90
CA ASP D 146 -6.84 -19.70 -7.28
C ASP D 146 -7.60 -18.42 -6.97
N LYS D 147 -8.18 -18.34 -5.77
CA LYS D 147 -8.96 -17.15 -5.45
C LYS D 147 -8.09 -15.93 -5.17
N TRP D 148 -6.84 -16.12 -4.77
CA TRP D 148 -5.98 -14.97 -4.47
C TRP D 148 -5.62 -14.22 -5.74
N THR D 149 -5.29 -14.92 -6.83
CA THR D 149 -5.02 -14.21 -8.08
C THR D 149 -6.27 -13.51 -8.59
N ARG D 150 -7.43 -14.18 -8.53
CA ARG D 150 -8.66 -13.55 -8.96
C ARG D 150 -8.95 -12.29 -8.14
N GLU D 151 -8.70 -12.35 -6.83
CA GLU D 151 -8.91 -11.16 -6.00
C GLU D 151 -7.92 -10.06 -6.35
N THR D 152 -6.66 -10.41 -6.60
CA THR D 152 -5.69 -9.35 -6.91
C THR D 152 -6.00 -8.71 -8.26
N VAL D 153 -6.35 -9.52 -9.27
CA VAL D 153 -6.70 -8.97 -10.58
C VAL D 153 -7.94 -8.10 -10.48
N GLN D 154 -8.94 -8.54 -9.70
CA GLN D 154 -10.13 -7.72 -9.51
C GLN D 154 -9.79 -6.40 -8.81
N TRP D 155 -8.92 -6.44 -7.81
CA TRP D 155 -8.48 -5.22 -7.16
C TRP D 155 -7.81 -4.29 -8.16
N LEU D 156 -6.94 -4.83 -9.01
CA LEU D 156 -6.21 -4.00 -9.96
C LEU D 156 -7.15 -3.40 -11.00
N LEU D 157 -8.09 -4.19 -11.52
CA LEU D 157 -8.97 -3.72 -12.58
C LEU D 157 -10.02 -2.74 -12.05
N ASN D 158 -10.65 -3.05 -10.92
CA ASN D 158 -11.75 -2.21 -10.45
C ASN D 158 -11.30 -1.06 -9.56
N GLY D 159 -10.12 -1.14 -8.95
CA GLY D 159 -9.69 -0.08 -8.05
C GLY D 159 -8.44 0.66 -8.47
N THR D 160 -7.35 -0.08 -8.67
CA THR D 160 -6.05 0.51 -8.99
C THR D 160 -6.07 1.19 -10.35
N CYS D 161 -6.62 0.49 -11.35
CA CYS D 161 -6.62 0.97 -12.74
C CYS D 161 -7.38 2.27 -12.93
N PRO D 162 -8.63 2.43 -12.45
CA PRO D 162 -9.31 3.72 -12.66
C PRO D 162 -8.56 4.89 -12.02
N GLN D 163 -7.94 4.66 -10.86
CA GLN D 163 -7.18 5.73 -10.24
C GLN D 163 -5.94 6.03 -11.05
N PHE D 164 -5.31 5.00 -11.63
CA PHE D 164 -4.15 5.23 -12.47
C PHE D 164 -4.52 6.04 -13.71
N VAL D 165 -5.65 5.69 -14.35
CA VAL D 165 -6.09 6.41 -15.53
C VAL D 165 -6.38 7.88 -15.18
N SER D 166 -7.08 8.10 -14.07
CA SER D 166 -7.40 9.47 -13.65
C SER D 166 -6.14 10.27 -13.37
N GLY D 167 -5.17 9.65 -12.68
CA GLY D 167 -3.91 10.34 -12.43
C GLY D 167 -3.14 10.65 -13.69
N LEU D 168 -3.14 9.71 -14.65
CA LEU D 168 -2.43 9.96 -15.89
C LEU D 168 -3.09 11.09 -16.68
N LEU D 169 -4.42 11.12 -16.69
CA LEU D 169 -5.13 12.18 -17.39
C LEU D 169 -4.83 13.54 -16.76
N GLU D 170 -4.84 13.62 -15.42
CA GLU D 170 -4.61 14.90 -14.77
C GLU D 170 -3.15 15.34 -14.89
N SER D 171 -2.21 14.42 -14.63
CA SER D 171 -0.80 14.76 -14.60
C SER D 171 -0.24 15.01 -16.00
N GLY D 172 -0.75 14.29 -17.01
CA GLY D 172 -0.23 14.47 -18.35
C GLY D 172 -1.19 15.23 -19.25
N LYS D 173 -1.99 16.09 -18.61
CA LYS D 173 -3.02 16.83 -19.33
C LYS D 173 -2.41 17.71 -20.41
N SER D 174 -1.24 18.31 -20.12
CA SER D 174 -0.58 19.21 -21.05
C SER D 174 -0.16 18.50 -22.33
N GLU D 175 0.40 17.30 -22.22
CA GLU D 175 0.84 16.57 -23.40
C GLU D 175 -0.32 15.95 -24.16
N LEU D 176 -1.38 15.54 -23.46
CA LEU D 176 -2.52 14.93 -24.12
C LEU D 176 -3.29 15.96 -24.93
N LYS D 177 -3.32 17.22 -24.49
CA LYS D 177 -4.00 18.30 -25.18
C LYS D 177 -3.09 19.06 -26.13
N LYS D 178 -1.84 18.59 -26.30
CA LYS D 178 -0.87 19.22 -27.18
C LYS D 178 -1.43 19.31 -28.60
N GLN D 179 -1.05 20.38 -29.32
CA GLN D 179 -1.45 20.54 -30.71
C GLN D 179 -0.24 20.81 -31.61
N VAL D 180 -0.03 19.95 -32.61
CA VAL D 180 1.09 20.08 -33.54
C VAL D 180 0.50 20.22 -34.94
N LYS D 181 0.91 21.29 -35.66
CA LYS D 181 0.33 21.54 -36.97
C LYS D 181 0.91 20.61 -38.03
N PRO D 182 0.07 20.05 -38.89
CA PRO D 182 0.55 19.23 -40.00
C PRO D 182 1.04 20.09 -41.17
N LYS D 183 1.94 19.51 -41.95
CA LYS D 183 2.34 20.09 -43.22
C LYS D 183 1.92 19.15 -44.33
N ALA D 184 1.37 19.73 -45.40
CA ALA D 184 0.80 18.98 -46.49
C ALA D 184 1.49 19.38 -47.79
N TRP D 185 1.40 18.51 -48.78
CA TRP D 185 2.01 18.80 -50.07
C TRP D 185 1.40 17.89 -51.12
N LEU D 186 1.40 18.35 -52.36
CA LEU D 186 0.75 17.60 -53.42
C LEU D 186 1.82 16.87 -54.23
N SER D 187 1.38 15.82 -54.91
CA SER D 187 2.30 15.01 -55.69
C SER D 187 1.54 14.26 -56.78
N ARG D 188 2.32 13.65 -57.66
CA ARG D 188 1.88 12.77 -58.73
C ARG D 188 2.13 11.33 -58.33
N GLY D 189 1.41 10.42 -58.96
CA GLY D 189 1.48 9.02 -58.65
C GLY D 189 1.53 8.20 -59.91
N PRO D 190 1.70 6.88 -59.78
CA PRO D 190 1.69 6.03 -60.97
C PRO D 190 0.37 6.18 -61.72
N SER D 191 0.47 6.38 -63.02
CA SER D 191 -0.71 6.61 -63.84
C SER D 191 -1.68 5.44 -63.75
N PRO D 192 -2.94 5.70 -63.39
CA PRO D 192 -3.93 4.61 -63.34
C PRO D 192 -4.20 4.00 -64.70
N GLY D 193 -4.19 4.83 -65.74
CA GLY D 193 -4.52 4.41 -67.08
C GLY D 193 -4.22 5.52 -68.07
N PRO D 194 -4.58 5.30 -69.34
CA PRO D 194 -4.30 6.31 -70.37
C PRO D 194 -5.17 7.56 -70.17
N GLY D 195 -4.53 8.72 -70.26
CA GLY D 195 -5.25 9.97 -70.16
C GLY D 195 -5.77 10.31 -68.78
N ARG D 196 -5.26 9.66 -67.75
CA ARG D 196 -5.74 9.85 -66.38
C ARG D 196 -4.59 10.23 -65.47
N LEU D 197 -4.95 10.72 -64.28
CA LEU D 197 -4.00 11.18 -63.28
C LEU D 197 -4.41 10.66 -61.91
N LEU D 198 -3.41 10.41 -61.07
CA LEU D 198 -3.60 10.01 -59.68
C LEU D 198 -3.05 11.16 -58.83
N LEU D 199 -3.95 12.01 -58.34
CA LEU D 199 -3.55 13.13 -57.48
C LEU D 199 -3.28 12.63 -56.07
N VAL D 200 -2.13 13.02 -55.52
CA VAL D 200 -1.68 12.55 -54.21
C VAL D 200 -1.52 13.75 -53.28
N CYS D 201 -2.07 13.64 -52.07
CA CYS D 201 -2.00 14.70 -51.07
C CYS D 201 -1.40 14.10 -49.80
N HIS D 202 -0.21 14.55 -49.43
CA HIS D 202 0.47 14.07 -48.23
C HIS D 202 0.18 15.04 -47.10
N VAL D 203 -0.07 14.50 -45.91
CA VAL D 203 -0.28 15.27 -44.69
C VAL D 203 0.53 14.60 -43.60
N SER D 204 1.53 15.28 -43.07
CA SER D 204 2.42 14.65 -42.10
C SER D 204 2.72 15.62 -40.98
N GLY D 205 2.93 15.06 -39.79
CA GLY D 205 3.39 15.83 -38.66
C GLY D 205 2.31 16.31 -37.71
N PHE D 206 1.09 15.80 -37.82
CA PHE D 206 0.01 16.27 -36.98
C PHE D 206 -0.12 15.42 -35.72
N TYR D 207 -0.58 16.07 -34.65
CA TYR D 207 -0.88 15.48 -33.37
C TYR D 207 -1.97 16.34 -32.76
N PRO D 208 -3.02 15.74 -32.19
CA PRO D 208 -3.25 14.30 -32.03
C PRO D 208 -3.69 13.59 -33.31
N LYS D 209 -4.12 12.34 -33.18
CA LYS D 209 -4.38 11.44 -34.31
C LYS D 209 -5.59 11.84 -35.14
N PRO D 210 -6.73 12.25 -34.55
CA PRO D 210 -7.89 12.57 -35.39
C PRO D 210 -7.57 13.63 -36.42
N VAL D 211 -7.93 13.34 -37.68
CA VAL D 211 -7.62 14.22 -38.81
C VAL D 211 -8.67 13.99 -39.88
N TRP D 212 -8.80 14.96 -40.79
CA TRP D 212 -9.76 14.87 -41.87
C TRP D 212 -9.07 15.36 -43.14
N VAL D 213 -8.99 14.51 -44.16
CA VAL D 213 -8.31 14.88 -45.39
C VAL D 213 -9.14 14.39 -46.55
N LYS D 214 -9.52 15.29 -47.46
CA LYS D 214 -10.27 14.86 -48.63
C LYS D 214 -9.97 15.72 -49.85
N TRP D 215 -10.02 15.08 -51.01
CA TRP D 215 -9.95 15.78 -52.29
C TRP D 215 -11.32 16.34 -52.60
N MET D 216 -11.37 17.51 -53.23
CA MET D 216 -12.64 18.18 -53.42
C MET D 216 -12.49 19.34 -54.38
N ARG D 217 -13.61 19.74 -54.97
CA ARG D 217 -13.71 20.91 -55.84
C ARG D 217 -14.45 21.97 -55.03
N GLY D 218 -13.69 22.93 -54.50
CA GLY D 218 -14.26 23.95 -53.65
C GLY D 218 -14.80 23.43 -52.33
N GLU D 219 -16.11 23.52 -52.13
CA GLU D 219 -16.77 22.99 -50.94
C GLU D 219 -17.39 21.62 -51.14
N GLN D 220 -17.43 21.12 -52.38
CA GLN D 220 -18.01 19.82 -52.73
C GLN D 220 -16.93 18.76 -52.57
N GLU D 221 -17.21 17.71 -51.78
CA GLU D 221 -16.23 16.67 -51.53
C GLU D 221 -16.31 15.57 -52.59
N GLN D 222 -15.20 15.39 -53.31
CA GLN D 222 -15.06 14.33 -54.30
C GLN D 222 -15.20 12.99 -53.60
N GLN D 223 -16.31 12.30 -53.82
CA GLN D 223 -16.58 11.05 -53.12
C GLN D 223 -15.63 9.93 -53.53
N GLY D 224 -14.75 10.16 -54.50
CA GLY D 224 -13.77 9.16 -54.86
C GLY D 224 -12.45 9.25 -54.11
N THR D 225 -12.36 10.04 -53.04
CA THR D 225 -11.12 10.11 -52.28
C THR D 225 -10.78 8.77 -51.67
N GLN D 226 -9.53 8.36 -51.85
CA GLN D 226 -9.04 7.09 -51.29
C GLN D 226 -8.13 7.43 -50.12
N PRO D 227 -8.62 7.44 -48.88
CA PRO D 227 -7.72 7.68 -47.75
C PRO D 227 -6.97 6.41 -47.40
N GLY D 228 -5.69 6.56 -47.10
CA GLY D 228 -4.86 5.45 -46.68
C GLY D 228 -4.90 5.27 -45.18
N ASP D 229 -3.99 4.45 -44.68
CA ASP D 229 -3.86 4.30 -43.24
C ASP D 229 -3.08 5.45 -42.63
N ILE D 230 -3.45 5.77 -41.39
CA ILE D 230 -2.72 6.75 -40.59
C ILE D 230 -1.49 6.04 -39.99
N LEU D 231 -0.34 6.36 -40.50
CA LEU D 231 0.88 5.67 -40.16
C LEU D 231 1.70 6.50 -39.18
N PRO D 232 2.42 5.86 -38.26
CA PRO D 232 3.14 6.62 -37.23
C PRO D 232 4.51 7.10 -37.70
N ASN D 233 4.89 8.26 -37.19
CA ASN D 233 6.23 8.79 -37.31
C ASN D 233 6.99 8.50 -36.02
N ALA D 234 8.32 8.61 -36.09
CA ALA D 234 9.13 8.31 -34.92
C ALA D 234 8.95 9.32 -33.78
N ASP D 235 8.52 10.54 -34.08
CA ASP D 235 8.33 11.56 -33.05
C ASP D 235 6.89 11.61 -32.53
N GLU D 236 6.15 10.50 -32.63
CA GLU D 236 4.78 10.40 -32.15
C GLU D 236 3.81 11.33 -32.90
N THR D 237 4.14 11.71 -34.13
CA THR D 237 3.16 12.36 -35.00
C THR D 237 2.66 11.33 -35.99
N TRP D 238 1.82 11.78 -36.92
CA TRP D 238 1.16 10.85 -37.82
C TRP D 238 1.26 11.35 -39.25
N TYR D 239 1.05 10.41 -40.18
CA TYR D 239 1.14 10.65 -41.60
C TYR D 239 -0.05 10.01 -42.30
N LEU D 240 -0.60 10.73 -43.26
CA LEU D 240 -1.75 10.25 -44.01
C LEU D 240 -1.63 10.76 -45.43
N ARG D 241 -1.87 9.87 -46.37
CA ARG D 241 -1.85 10.18 -47.79
C ARG D 241 -3.26 9.95 -48.35
N ALA D 242 -3.72 10.88 -49.18
CA ALA D 242 -5.03 10.81 -49.81
C ALA D 242 -4.90 10.97 -51.32
N THR D 243 -5.49 10.04 -52.06
CA THR D 243 -5.35 10.00 -53.51
C THR D 243 -6.71 10.11 -54.19
N LEU D 244 -6.67 10.50 -55.46
CA LEU D 244 -7.89 10.66 -56.25
C LEU D 244 -7.58 10.34 -57.70
N ASP D 245 -8.34 9.39 -58.25
CA ASP D 245 -8.21 8.99 -59.65
C ASP D 245 -9.11 9.88 -60.49
N VAL D 246 -8.54 10.51 -61.51
CA VAL D 246 -9.22 11.65 -62.12
C VAL D 246 -8.80 11.78 -63.59
N VAL D 247 -9.74 12.22 -64.42
CA VAL D 247 -9.41 12.58 -65.79
C VAL D 247 -8.51 13.80 -65.76
N ALA D 248 -7.51 13.84 -66.65
CA ALA D 248 -6.52 14.92 -66.59
C ALA D 248 -7.20 16.27 -66.69
N GLY D 249 -8.27 16.37 -67.47
CA GLY D 249 -8.99 17.63 -67.57
C GLY D 249 -9.65 18.02 -66.25
N GLU D 250 -10.23 17.04 -65.53
CA GLU D 250 -10.89 17.30 -64.25
C GLU D 250 -9.93 17.76 -63.17
N ALA D 251 -8.63 17.41 -63.26
CA ALA D 251 -7.68 17.88 -62.23
C ALA D 251 -7.60 19.40 -62.11
N ALA D 252 -8.19 20.15 -63.03
CA ALA D 252 -8.11 21.61 -62.98
C ALA D 252 -9.11 22.14 -61.96
N GLY D 253 -8.65 23.02 -61.07
CA GLY D 253 -9.45 23.51 -59.97
C GLY D 253 -9.72 22.55 -58.83
N LEU D 254 -9.09 21.38 -58.79
CA LEU D 254 -9.27 20.46 -57.68
C LEU D 254 -8.28 20.78 -56.58
N SER D 255 -8.70 20.57 -55.33
CA SER D 255 -7.90 20.93 -54.18
C SER D 255 -8.04 19.86 -53.09
N CYS D 256 -6.99 19.75 -52.29
CA CYS D 256 -6.96 18.87 -51.13
C CYS D 256 -7.18 19.70 -49.87
N ARG D 257 -8.18 19.32 -49.08
CA ARG D 257 -8.56 20.05 -47.87
C ARG D 257 -8.26 19.19 -46.65
N VAL D 258 -7.61 19.81 -45.67
CA VAL D 258 -7.17 19.17 -44.43
C VAL D 258 -7.79 19.93 -43.26
N LYS D 259 -8.52 19.20 -42.41
CA LYS D 259 -9.09 19.70 -41.17
C LYS D 259 -8.38 19.00 -40.01
N HIS D 260 -7.85 19.80 -39.09
CA HIS D 260 -7.15 19.29 -37.92
C HIS D 260 -7.36 20.26 -36.77
N SER D 261 -7.33 19.74 -35.55
CA SER D 261 -7.58 20.55 -34.36
C SER D 261 -6.54 21.66 -34.20
N SER D 262 -5.30 21.42 -34.66
CA SER D 262 -4.21 22.38 -34.55
C SER D 262 -4.42 23.61 -35.43
N LEU D 263 -5.32 23.53 -36.39
CA LEU D 263 -5.62 24.57 -37.37
C LEU D 263 -6.52 25.69 -36.84
N GLU D 264 -7.13 25.53 -35.67
CA GLU D 264 -7.95 26.58 -35.04
C GLU D 264 -9.12 27.03 -35.93
N GLY D 265 -9.80 26.06 -36.53
CA GLY D 265 -10.97 26.30 -37.35
C GLY D 265 -10.67 26.54 -38.81
N GLN D 266 -9.41 26.78 -39.16
CA GLN D 266 -9.07 26.99 -40.56
C GLN D 266 -8.73 25.64 -41.18
N ASP D 267 -8.62 25.61 -42.49
CA ASP D 267 -8.34 24.37 -43.18
C ASP D 267 -7.14 24.63 -44.07
N ILE D 268 -6.32 23.60 -44.27
CA ILE D 268 -5.24 23.74 -45.24
C ILE D 268 -5.81 23.28 -46.59
N VAL D 269 -5.71 24.13 -47.60
CA VAL D 269 -6.23 23.90 -48.94
C VAL D 269 -5.09 24.01 -49.93
N LEU D 270 -4.87 22.94 -50.68
CA LEU D 270 -3.82 22.88 -51.69
C LEU D 270 -4.46 22.63 -53.05
N TYR D 271 -4.28 23.58 -53.96
CA TYR D 271 -4.84 23.49 -55.31
C TYR D 271 -3.85 22.87 -56.28
N TRP D 272 -4.39 22.13 -57.24
CA TRP D 272 -3.60 21.42 -58.26
C TRP D 272 -3.10 22.45 -59.26
N GLY D 273 -1.89 22.95 -59.03
CA GLY D 273 -1.30 23.94 -59.91
C GLY D 273 0.15 23.69 -60.25
N SER D 274 0.74 22.67 -59.64
CA SER D 274 2.14 22.34 -59.88
C SER D 274 2.44 20.90 -59.47
#